data_2HVG
#
_entry.id   2HVG
#
_cell.length_a   120.419
_cell.length_b   177.599
_cell.length_c   68.613
_cell.angle_alpha   90.00
_cell.angle_beta   99.16
_cell.angle_gamma   90.00
#
_symmetry.space_group_name_H-M   'C 1 2 1'
#
loop_
_entity.id
_entity.type
_entity.pdbx_description
1 polymer 'Adenylosuccinate lyase'
2 non-polymer 'SULFATE ION'
3 water water
#
_entity_poly.entity_id   1
_entity_poly.type   'polypeptide(L)'
_entity_poly.pdbx_seq_one_letter_code
;(MSE)GSSHHHHHHSSGLVPRGSEHLKNISPIDGRYKKACGELSAFFSEHALIKHRIIVEVRWLLFLNEEELFFEKVTDH
SVEVLNQIATNITDSDIARVKAIEEETNHDVKAVEYFVKEKLKNSKREDLLKIKEYVHYLCTSEDINNVAYATCLKACLN
DVVIPCLEKI(MSE)LKLKDLAVEYSHVPLLSRTHGQPASSTTFGKE(MSE)ANFYARIHHHVGVIRRVKVCAKFNGAVG
NFNAHKVASKDTDWVNTIGLFLKKHFNLTYSIYCTQIQDHDYICELCDGLARANGTLIDLCVDIWLYISNNLLKLKVKEK
EVGSST(MSE)PHKVNPIDFENAEGNLHIANAFFKLFSSKLPTSRLQRDLSDSTVLRNIGSSLAYCLIAYKSVLKGLNKI
DIDRRNLEEELNQNWSTLAEPIQIV(MSE)KRHNYVDAYEELKQFTRGKVIDQKI(MSE)QEFIKTKCAFLPQDVVDQLL
ELTPATYTGYADYLAKNVERLSGERD
;
_entity_poly.pdbx_strand_id   A,B
#
loop_
_chem_comp.id
_chem_comp.type
_chem_comp.name
_chem_comp.formula
SO4 non-polymer 'SULFATE ION' 'O4 S -2'
#
# COMPACT_ATOMS: atom_id res chain seq x y z
N HIS A 21 -33.87 1.82 14.87
CA HIS A 21 -33.29 1.50 13.53
C HIS A 21 -33.49 2.64 12.52
N LEU A 22 -34.72 3.13 12.39
CA LEU A 22 -35.03 4.22 11.44
C LEU A 22 -34.50 5.57 11.95
N LYS A 23 -34.24 5.65 13.24
CA LYS A 23 -33.67 6.83 13.86
C LYS A 23 -32.14 6.85 13.87
N ASN A 24 -31.52 5.78 13.37
CA ASN A 24 -30.08 5.75 13.24
C ASN A 24 -29.54 6.76 12.22
N ILE A 25 -28.47 7.43 12.60
CA ILE A 25 -27.86 8.49 11.80
C ILE A 25 -26.98 7.93 10.68
N SER A 26 -26.21 6.91 11.00
CA SER A 26 -25.31 6.28 10.06
C SER A 26 -26.10 5.36 9.13
N PRO A 27 -25.86 5.47 7.82
CA PRO A 27 -26.49 4.51 6.91
C PRO A 27 -25.98 3.09 7.09
N ILE A 28 -24.81 2.93 7.70
CA ILE A 28 -24.26 1.63 8.05
C ILE A 28 -25.24 0.88 8.95
N ASP A 29 -25.69 1.53 10.01
CA ASP A 29 -26.65 0.92 10.93
C ASP A 29 -28.09 1.36 10.63
N GLY A 30 -28.25 2.11 9.55
CA GLY A 30 -29.55 2.57 9.10
C GLY A 30 -29.98 1.80 7.89
N ARG A 31 -29.97 2.43 6.73
CA ARG A 31 -30.55 1.78 5.54
C ARG A 31 -29.79 0.60 4.98
N TYR A 32 -28.48 0.53 5.24
CA TYR A 32 -27.63 -0.59 4.72
C TYR A 32 -27.39 -1.72 5.72
N LYS A 33 -28.09 -1.68 6.85
CA LYS A 33 -27.90 -2.65 7.92
C LYS A 33 -27.92 -4.13 7.49
N LYS A 34 -28.88 -4.51 6.65
CA LYS A 34 -28.98 -5.91 6.19
C LYS A 34 -27.81 -6.32 5.27
N ALA A 35 -27.31 -5.37 4.49
CA ALA A 35 -26.20 -5.62 3.58
C ALA A 35 -24.86 -5.76 4.28
N CYS A 36 -24.74 -5.23 5.49
CA CYS A 36 -23.46 -5.22 6.17
C CYS A 36 -23.50 -5.76 7.60
N GLY A 37 -24.66 -6.27 8.00
CA GLY A 37 -24.91 -6.71 9.37
C GLY A 37 -23.99 -7.78 9.93
N GLU A 38 -23.48 -8.65 9.06
CA GLU A 38 -22.56 -9.70 9.48
C GLU A 38 -21.20 -9.17 9.99
N LEU A 39 -20.96 -7.87 9.84
CA LEU A 39 -19.76 -7.23 10.38
C LEU A 39 -19.84 -6.96 11.88
N SER A 40 -21.04 -6.94 12.40
CA SER A 40 -21.28 -6.74 13.83
C SER A 40 -20.54 -7.77 14.72
N ALA A 41 -20.39 -8.99 14.22
CA ALA A 41 -19.60 -10.03 14.90
C ALA A 41 -18.14 -9.64 15.13
N PHE A 42 -17.59 -8.76 14.26
CA PHE A 42 -16.17 -8.38 14.31
C PHE A 42 -15.97 -6.96 14.81
N PHE A 43 -16.92 -6.10 14.48
CA PHE A 43 -16.78 -4.67 14.80
C PHE A 43 -18.05 -4.08 15.37
N SER A 44 -18.04 -3.88 16.67
CA SER A 44 -19.16 -3.31 17.43
C SER A 44 -18.72 -3.39 18.87
N GLU A 45 -19.41 -2.69 19.76
CA GLU A 45 -19.08 -2.75 21.19
C GLU A 45 -19.21 -4.18 21.69
N HIS A 46 -20.23 -4.88 21.21
CA HIS A 46 -20.49 -6.25 21.53
C HIS A 46 -19.29 -7.12 21.16
N ALA A 47 -18.85 -7.02 19.91
CA ALA A 47 -17.69 -7.76 19.39
C ALA A 47 -16.41 -7.44 20.15
N LEU A 48 -16.30 -6.19 20.58
CA LEU A 48 -15.10 -5.69 21.21
C LEU A 48 -14.99 -6.20 22.64
N ILE A 49 -16.11 -6.14 23.38
CA ILE A 49 -16.22 -6.66 24.74
C ILE A 49 -15.95 -8.16 24.69
N LYS A 50 -16.52 -8.83 23.70
CA LYS A 50 -16.39 -10.26 23.57
C LYS A 50 -14.94 -10.70 23.41
N HIS A 51 -14.20 -10.02 22.53
CA HIS A 51 -12.83 -10.39 22.23
C HIS A 51 -11.85 -10.00 23.32
N ARG A 52 -12.16 -8.95 24.07
CA ARG A 52 -11.38 -8.59 25.24
C ARG A 52 -11.47 -9.66 26.36
N ILE A 53 -12.67 -10.22 26.56
CA ILE A 53 -12.90 -11.32 27.51
C ILE A 53 -12.05 -12.50 27.11
N ILE A 54 -12.11 -12.86 25.84
CA ILE A 54 -11.29 -13.91 25.27
C ILE A 54 -9.79 -13.68 25.49
N VAL A 55 -9.32 -12.44 25.33
CA VAL A 55 -7.89 -12.17 25.50
C VAL A 55 -7.46 -12.30 26.96
N GLU A 56 -8.24 -11.73 27.88
CA GLU A 56 -7.97 -11.83 29.32
C GLU A 56 -7.98 -13.28 29.81
N VAL A 57 -8.94 -14.07 29.33
CA VAL A 57 -9.01 -15.47 29.69
C VAL A 57 -7.81 -16.26 29.20
N ARG A 58 -7.42 -16.03 27.94
CA ARG A 58 -6.29 -16.75 27.37
C ARG A 58 -4.95 -16.32 27.95
N TRP A 59 -4.85 -15.05 28.34
CA TRP A 59 -3.67 -14.58 29.08
C TRP A 59 -3.54 -15.37 30.39
N LEU A 60 -4.64 -15.51 31.14
CA LEU A 60 -4.64 -16.31 32.37
C LEU A 60 -4.39 -17.79 32.11
N LEU A 61 -4.97 -18.34 31.05
CA LEU A 61 -4.69 -19.73 30.66
C LEU A 61 -3.20 -19.91 30.33
N PHE A 62 -2.60 -18.88 29.72
CA PHE A 62 -1.20 -18.95 29.35
C PHE A 62 -0.29 -18.87 30.57
N LEU A 63 -0.58 -17.94 31.48
CA LEU A 63 0.18 -17.84 32.74
C LEU A 63 0.12 -19.15 33.54
N ASN A 64 -1.03 -19.83 33.53
CA ASN A 64 -1.21 -21.16 34.14
C ASN A 64 -0.38 -22.26 33.48
N GLU A 65 -0.35 -22.30 32.14
CA GLU A 65 0.42 -23.33 31.44
C GLU A 65 1.94 -23.13 31.52
N GLU A 66 2.36 -21.88 31.78
CA GLU A 66 3.77 -21.52 31.95
C GLU A 66 4.24 -21.62 33.42
N GLU A 67 3.28 -21.51 34.33
CA GLU A 67 3.51 -21.58 35.79
C GLU A 67 4.51 -20.53 36.26
N LEU A 68 4.37 -19.32 35.74
CA LEU A 68 5.29 -18.25 36.06
C LEU A 68 5.13 -17.74 37.48
N PHE A 69 3.91 -17.72 37.98
CA PHE A 69 3.62 -17.03 39.22
C PHE A 69 2.84 -17.89 40.20
N PHE A 70 2.33 -19.02 39.70
CA PHE A 70 1.61 -19.99 40.52
C PHE A 70 1.74 -21.39 39.91
N GLU A 71 1.37 -22.41 40.66
CA GLU A 71 1.40 -23.79 40.14
C GLU A 71 0.11 -24.08 39.40
N LYS A 72 0.20 -24.93 38.37
CA LYS A 72 -0.93 -25.20 37.50
C LYS A 72 -2.15 -25.71 38.26
N VAL A 73 -3.32 -25.15 37.94
CA VAL A 73 -4.59 -25.58 38.51
C VAL A 73 -5.00 -26.95 37.96
N THR A 74 -6.08 -27.52 38.47
CA THR A 74 -6.57 -28.82 37.98
C THR A 74 -7.06 -28.72 36.55
N ASP A 75 -7.05 -29.86 35.84
CA ASP A 75 -7.55 -29.94 34.46
C ASP A 75 -9.00 -29.48 34.34
N HIS A 76 -9.77 -29.63 35.41
CA HIS A 76 -11.16 -29.21 35.41
C HIS A 76 -11.28 -27.71 35.62
N SER A 77 -10.34 -27.13 36.37
CA SER A 77 -10.36 -25.68 36.65
C SER A 77 -9.93 -24.84 35.45
N VAL A 78 -8.99 -25.34 34.66
CA VAL A 78 -8.68 -24.75 33.36
C VAL A 78 -9.91 -24.80 32.43
N GLU A 79 -10.61 -25.94 32.43
CA GLU A 79 -11.83 -26.09 31.64
C GLU A 79 -12.90 -25.06 32.01
N VAL A 80 -13.04 -24.79 33.30
CA VAL A 80 -13.98 -23.77 33.79
C VAL A 80 -13.50 -22.35 33.42
N LEU A 81 -12.20 -22.11 33.49
CA LEU A 81 -11.61 -20.84 33.03
C LEU A 81 -11.81 -20.60 31.53
N ASN A 82 -11.46 -21.60 30.72
CA ASN A 82 -11.62 -21.56 29.27
C ASN A 82 -13.05 -21.30 28.85
N GLN A 83 -14.01 -21.86 29.61
CA GLN A 83 -15.45 -21.71 29.36
C GLN A 83 -15.98 -20.29 29.43
N ILE A 84 -15.31 -19.43 30.21
CA ILE A 84 -15.66 -18.01 30.24
C ILE A 84 -15.44 -17.37 28.85
N ALA A 85 -14.41 -17.83 28.13
CA ALA A 85 -14.11 -17.31 26.79
C ALA A 85 -14.92 -17.94 25.67
N THR A 86 -15.40 -19.17 25.88
CA THR A 86 -16.03 -19.92 24.81
C THR A 86 -17.54 -19.75 24.75
N ASN A 87 -18.17 -19.59 25.92
CA ASN A 87 -19.60 -19.39 25.98
C ASN A 87 -19.91 -17.94 26.31
N ILE A 88 -19.77 -17.06 25.31
CA ILE A 88 -20.03 -15.63 25.53
C ILE A 88 -21.37 -15.21 24.94
N THR A 89 -22.28 -14.87 25.84
CA THR A 89 -23.69 -14.61 25.53
C THR A 89 -23.98 -13.11 25.60
N ASP A 90 -25.15 -12.71 25.10
CA ASP A 90 -25.65 -11.34 25.24
C ASP A 90 -25.73 -10.84 26.69
N SER A 91 -26.03 -11.74 27.62
CA SER A 91 -26.13 -11.39 29.04
C SER A 91 -24.75 -11.15 29.66
N ASP A 92 -23.76 -11.91 29.17
CA ASP A 92 -22.36 -11.67 29.53
C ASP A 92 -21.90 -10.29 29.08
N ILE A 93 -22.22 -9.92 27.85
CA ILE A 93 -21.94 -8.58 27.33
C ILE A 93 -22.71 -7.51 28.11
N ALA A 94 -23.98 -7.79 28.41
CA ALA A 94 -24.82 -6.90 29.21
C ALA A 94 -24.25 -6.64 30.61
N ARG A 95 -23.67 -7.67 31.23
CA ARG A 95 -23.05 -7.54 32.54
C ARG A 95 -21.77 -6.69 32.51
N VAL A 96 -20.99 -6.80 31.43
CA VAL A 96 -19.79 -5.98 31.27
C VAL A 96 -20.13 -4.48 31.12
N LYS A 97 -21.05 -4.15 30.21
CA LYS A 97 -21.48 -2.76 30.04
C LYS A 97 -22.07 -2.17 31.33
N ALA A 98 -22.72 -3.02 32.13
CA ALA A 98 -23.24 -2.62 33.44
C ALA A 98 -22.12 -2.19 34.39
N ILE A 99 -20.96 -2.85 34.28
CA ILE A 99 -19.80 -2.54 35.10
C ILE A 99 -19.03 -1.30 34.60
N GLU A 100 -19.20 -0.97 33.31
CA GLU A 100 -18.48 0.17 32.72
C GLU A 100 -18.91 1.53 33.24
N HIS A 105 -11.27 2.35 31.95
CA HIS A 105 -12.63 2.10 32.40
C HIS A 105 -13.36 1.12 31.49
N ASP A 106 -12.87 1.00 30.24
CA ASP A 106 -13.38 0.02 29.28
C ASP A 106 -12.93 -1.40 29.62
N VAL A 107 -11.62 -1.67 29.59
CA VAL A 107 -11.14 -3.04 29.85
C VAL A 107 -11.10 -3.41 31.34
N LYS A 108 -11.16 -2.42 32.22
CA LYS A 108 -11.27 -2.68 33.66
C LYS A 108 -12.58 -3.39 33.99
N ALA A 109 -13.65 -3.04 33.29
CA ALA A 109 -14.94 -3.75 33.44
C ALA A 109 -14.85 -5.21 33.01
N VAL A 110 -14.14 -5.46 31.91
CA VAL A 110 -13.84 -6.81 31.45
C VAL A 110 -13.02 -7.59 32.48
N GLU A 111 -11.96 -6.96 33.00
CA GLU A 111 -11.17 -7.55 34.07
C GLU A 111 -12.03 -7.93 35.28
N TYR A 112 -12.91 -7.01 35.69
CA TYR A 112 -13.91 -7.25 36.75
C TYR A 112 -14.84 -8.42 36.41
N PHE A 113 -15.30 -8.48 35.16
CA PHE A 113 -16.20 -9.55 34.74
C PHE A 113 -15.59 -10.94 34.87
N VAL A 114 -14.33 -11.08 34.47
CA VAL A 114 -13.62 -12.38 34.49
C VAL A 114 -13.37 -12.83 35.94
N LYS A 115 -12.90 -11.90 36.77
CA LYS A 115 -12.67 -12.14 38.20
C LYS A 115 -13.93 -12.61 38.91
N GLU A 116 -15.06 -11.94 38.65
CA GLU A 116 -16.36 -12.31 39.19
C GLU A 116 -16.79 -13.73 38.83
N LYS A 117 -16.54 -14.11 37.59
CA LYS A 117 -16.94 -15.41 37.05
C LYS A 117 -16.05 -16.52 37.64
N LEU A 118 -14.82 -16.16 37.96
CA LEU A 118 -13.92 -17.05 38.65
C LEU A 118 -14.24 -17.15 40.15
N LYS A 119 -14.72 -16.06 40.75
CA LYS A 119 -15.13 -16.06 42.17
C LYS A 119 -16.43 -16.84 42.36
N ASN A 120 -17.38 -16.65 41.45
CA ASN A 120 -18.65 -17.35 41.51
C ASN A 120 -18.55 -18.86 41.14
N SER A 121 -17.34 -19.32 40.82
CA SER A 121 -17.14 -20.76 40.55
C SER A 121 -16.98 -21.57 41.84
N LYS A 122 -16.63 -20.88 42.93
CA LYS A 122 -16.38 -21.48 44.26
C LYS A 122 -15.28 -22.56 44.32
N ARG A 123 -14.47 -22.61 43.25
CA ARG A 123 -13.29 -23.47 43.22
C ARG A 123 -12.11 -22.72 43.84
N GLU A 124 -11.56 -23.27 44.93
CA GLU A 124 -10.42 -22.66 45.65
C GLU A 124 -9.23 -22.40 44.71
N ASP A 125 -9.10 -23.28 43.72
CA ASP A 125 -8.13 -23.19 42.64
C ASP A 125 -8.15 -21.81 41.96
N LEU A 126 -9.34 -21.45 41.51
CA LEU A 126 -9.56 -20.26 40.71
C LEU A 126 -9.66 -18.99 41.55
N LEU A 127 -10.10 -19.14 42.80
CA LEU A 127 -10.15 -18.01 43.74
C LEU A 127 -8.75 -17.51 44.09
N LYS A 128 -7.77 -18.39 44.02
CA LYS A 128 -6.37 -18.01 44.22
C LYS A 128 -5.80 -17.27 43.00
N ILE A 129 -6.08 -17.77 41.79
CA ILE A 129 -5.49 -17.24 40.56
C ILE A 129 -6.24 -16.04 39.94
N LYS A 130 -7.45 -15.78 40.44
CA LYS A 130 -8.28 -14.61 40.09
C LYS A 130 -7.53 -13.29 40.05
N GLU A 131 -6.58 -13.15 40.96
CA GLU A 131 -5.90 -11.88 41.18
C GLU A 131 -4.85 -11.66 40.10
N TYR A 132 -4.59 -12.71 39.33
CA TYR A 132 -3.66 -12.67 38.20
C TYR A 132 -4.32 -12.28 36.86
N VAL A 133 -5.63 -12.11 36.87
CA VAL A 133 -6.35 -11.53 35.74
C VAL A 133 -5.72 -10.15 35.43
N HIS A 134 -5.29 -9.99 34.16
CA HIS A 134 -4.71 -8.73 33.68
C HIS A 134 -3.35 -8.47 34.30
N TYR A 135 -2.67 -9.53 34.74
CA TYR A 135 -1.38 -9.33 35.42
C TYR A 135 -0.33 -8.89 34.42
N LEU A 136 0.27 -7.72 34.71
CA LEU A 136 1.39 -7.15 33.92
C LEU A 136 0.93 -6.29 32.72
N CYS A 137 -0.32 -6.46 32.33
CA CYS A 137 -0.87 -5.89 31.10
C CYS A 137 -1.20 -4.42 31.17
N THR A 138 -1.06 -3.73 30.04
CA THR A 138 -1.66 -2.43 29.85
C THR A 138 -2.99 -2.68 29.12
N SER A 139 -3.91 -1.72 29.10
CA SER A 139 -5.19 -1.94 28.41
C SER A 139 -5.00 -2.10 26.88
N GLU A 140 -3.98 -1.46 26.32
CA GLU A 140 -3.63 -1.62 24.89
C GLU A 140 -3.04 -2.98 24.53
N ASP A 141 -2.49 -3.69 25.52
CA ASP A 141 -2.10 -5.10 25.30
C ASP A 141 -3.33 -5.92 24.93
N ILE A 142 -4.40 -5.77 25.71
CA ILE A 142 -5.66 -6.47 25.48
C ILE A 142 -6.36 -5.98 24.16
N ASN A 143 -6.47 -4.68 23.98
CA ASN A 143 -7.17 -4.12 22.82
C ASN A 143 -6.49 -4.43 21.49
N ASN A 144 -5.17 -4.34 21.43
CA ASN A 144 -4.51 -4.53 20.16
C ASN A 144 -4.65 -5.96 19.66
N VAL A 145 -4.60 -6.92 20.59
CA VAL A 145 -4.83 -8.32 20.26
C VAL A 145 -6.29 -8.54 19.87
N ALA A 146 -7.21 -7.98 20.62
CA ALA A 146 -8.64 -8.04 20.25
C ALA A 146 -8.92 -7.48 18.83
N TYR A 147 -8.39 -6.28 18.53
CA TYR A 147 -8.52 -5.68 17.18
C TYR A 147 -7.89 -6.56 16.12
N ALA A 148 -6.66 -7.00 16.39
CA ALA A 148 -5.96 -7.87 15.45
C ALA A 148 -6.76 -9.12 15.10
N THR A 149 -7.28 -9.83 16.09
CA THR A 149 -8.08 -11.03 15.81
C THR A 149 -9.41 -10.72 15.07
N CYS A 150 -10.04 -9.61 15.43
CA CYS A 150 -11.25 -9.17 14.74
C CYS A 150 -10.99 -8.77 13.28
N LEU A 151 -9.92 -8.05 13.02
CA LEU A 151 -9.60 -7.59 11.69
C LEU A 151 -9.21 -8.77 10.81
N LYS A 152 -8.35 -9.65 11.34
CA LYS A 152 -7.91 -10.84 10.64
C LYS A 152 -9.08 -11.78 10.27
N ALA A 153 -9.92 -12.10 11.24
CA ALA A 153 -11.09 -12.94 10.98
C ALA A 153 -12.08 -12.28 9.99
N CYS A 154 -12.40 -11.00 10.21
CA CYS A 154 -13.24 -10.28 9.27
C CYS A 154 -12.74 -10.34 7.81
N LEU A 155 -11.46 -10.03 7.60
CA LEU A 155 -10.93 -10.01 6.24
C LEU A 155 -10.95 -11.38 5.61
N ASN A 156 -10.47 -12.36 6.35
CA ASN A 156 -10.36 -13.72 5.84
C ASN A 156 -11.74 -14.39 5.69
N ASP A 157 -12.67 -14.08 6.58
CA ASP A 157 -14.01 -14.68 6.55
C ASP A 157 -15.07 -13.95 5.72
N VAL A 158 -15.05 -12.61 5.73
CA VAL A 158 -16.12 -11.86 5.10
C VAL A 158 -15.67 -11.01 3.90
N VAL A 159 -14.69 -10.14 4.12
CA VAL A 159 -14.33 -9.11 3.13
C VAL A 159 -13.60 -9.68 1.92
N ILE A 160 -12.52 -10.42 2.14
CA ILE A 160 -11.77 -10.98 1.02
C ILE A 160 -12.61 -11.97 0.19
N PRO A 161 -13.33 -12.92 0.83
CA PRO A 161 -14.26 -13.77 0.07
C PRO A 161 -15.27 -13.01 -0.79
N CYS A 162 -15.73 -11.85 -0.33
CA CYS A 162 -16.63 -11.01 -1.12
C CYS A 162 -15.90 -10.46 -2.36
N LEU A 163 -14.68 -9.96 -2.18
CA LEU A 163 -13.85 -9.59 -3.33
C LEU A 163 -13.58 -10.77 -4.27
N GLU A 164 -13.35 -11.94 -3.68
CA GLU A 164 -13.11 -13.15 -4.46
C GLU A 164 -14.35 -13.61 -5.21
N LYS A 165 -15.53 -13.34 -4.66
CA LYS A 165 -16.78 -13.53 -5.41
C LYS A 165 -16.81 -12.62 -6.65
N ILE A 166 -16.35 -11.38 -6.51
CA ILE A 166 -16.31 -10.49 -7.66
C ILE A 166 -15.35 -11.02 -8.74
N MSE A 167 -14.14 -11.40 -8.34
CA MSE A 167 -13.19 -11.98 -9.32
C MSE A 167 -13.77 -13.16 -10.07
O MSE A 167 -13.53 -13.27 -11.26
CB MSE A 167 -11.89 -12.45 -8.70
CG MSE A 167 -11.31 -11.58 -7.69
SE MSE A 167 -9.63 -12.34 -7.12
CE MSE A 167 -9.86 -14.26 -7.49
N LEU A 168 -14.50 -14.04 -9.37
CA LEU A 168 -15.10 -15.23 -9.97
C LEU A 168 -16.07 -14.83 -11.07
N LYS A 169 -16.92 -13.84 -10.78
CA LYS A 169 -17.87 -13.35 -11.75
C LYS A 169 -17.17 -12.74 -12.97
N LEU A 170 -16.14 -11.92 -12.72
CA LEU A 170 -15.31 -11.33 -13.79
C LEU A 170 -14.66 -12.39 -14.69
N LYS A 171 -14.10 -13.44 -14.09
CA LYS A 171 -13.58 -14.62 -14.81
C LYS A 171 -14.66 -15.31 -15.69
N ASP A 172 -15.83 -15.55 -15.11
CA ASP A 172 -16.92 -16.17 -15.85
C ASP A 172 -17.36 -15.30 -17.02
N LEU A 173 -17.39 -13.97 -16.81
CA LEU A 173 -17.72 -13.05 -17.88
C LEU A 173 -16.63 -13.02 -18.95
N ALA A 174 -15.37 -12.97 -18.51
CA ALA A 174 -14.22 -13.07 -19.40
C ALA A 174 -14.28 -14.29 -20.34
N VAL A 175 -14.64 -15.45 -19.81
CA VAL A 175 -14.68 -16.68 -20.60
C VAL A 175 -15.91 -16.68 -21.50
N GLU A 176 -17.08 -16.44 -20.90
CA GLU A 176 -18.35 -16.44 -21.63
C GLU A 176 -18.41 -15.50 -22.85
N TYR A 177 -17.78 -14.34 -22.74
CA TYR A 177 -17.82 -13.34 -23.78
C TYR A 177 -16.45 -13.05 -24.39
N SER A 178 -15.52 -13.99 -24.22
CA SER A 178 -14.15 -13.88 -24.73
C SER A 178 -14.05 -13.55 -26.21
N HIS A 179 -15.01 -14.03 -26.99
CA HIS A 179 -14.97 -13.90 -28.43
C HIS A 179 -15.78 -12.71 -28.96
N VAL A 180 -16.64 -12.13 -28.13
CA VAL A 180 -17.63 -11.13 -28.57
C VAL A 180 -17.01 -9.76 -28.87
N PRO A 181 -16.91 -9.39 -30.15
CA PRO A 181 -16.18 -8.19 -30.51
C PRO A 181 -16.82 -6.87 -30.02
N LEU A 182 -15.95 -5.92 -29.67
CA LEU A 182 -16.36 -4.67 -29.06
C LEU A 182 -15.42 -3.58 -29.53
N LEU A 183 -15.99 -2.50 -30.05
CA LEU A 183 -15.20 -1.36 -30.47
C LEU A 183 -14.56 -0.70 -29.26
N SER A 184 -13.22 -0.61 -29.28
CA SER A 184 -12.50 0.10 -28.24
C SER A 184 -12.71 1.59 -28.40
N ARG A 185 -12.52 2.31 -27.32
CA ARG A 185 -12.45 3.75 -27.34
C ARG A 185 -11.26 4.22 -26.56
N THR A 186 -10.43 5.02 -27.22
CA THR A 186 -9.33 5.70 -26.58
C THR A 186 -9.59 7.20 -26.74
N HIS A 187 -9.45 7.93 -25.63
CA HIS A 187 -9.92 9.33 -25.52
C HIS A 187 -11.41 9.46 -25.87
N GLY A 188 -12.16 8.38 -25.68
CA GLY A 188 -13.58 8.35 -26.01
C GLY A 188 -13.93 8.07 -27.46
N GLN A 189 -12.90 8.00 -28.30
CA GLN A 189 -13.02 7.93 -29.75
C GLN A 189 -12.75 6.50 -30.25
N PRO A 190 -13.39 6.09 -31.37
CA PRO A 190 -13.20 4.70 -31.87
C PRO A 190 -11.74 4.29 -32.13
N ALA A 191 -11.42 3.05 -31.77
CA ALA A 191 -10.06 2.54 -31.93
C ALA A 191 -10.12 1.03 -32.21
N SER A 192 -8.99 0.43 -32.56
CA SER A 192 -8.89 -1.03 -32.78
C SER A 192 -9.75 -1.84 -31.84
N SER A 193 -10.46 -2.80 -32.41
CA SER A 193 -11.44 -3.60 -31.69
C SER A 193 -10.85 -4.48 -30.57
N THR A 194 -11.69 -4.78 -29.58
CA THR A 194 -11.36 -5.69 -28.50
C THR A 194 -12.52 -6.68 -28.41
N THR A 195 -12.62 -7.42 -27.31
CA THR A 195 -13.82 -8.18 -27.00
C THR A 195 -14.35 -7.80 -25.61
N PHE A 196 -15.66 -7.98 -25.36
CA PHE A 196 -16.20 -7.71 -24.03
C PHE A 196 -15.52 -8.58 -22.96
N GLY A 197 -15.33 -9.87 -23.27
CA GLY A 197 -14.61 -10.77 -22.36
C GLY A 197 -13.21 -10.28 -22.03
N LYS A 198 -12.51 -9.72 -23.01
CA LYS A 198 -11.18 -9.18 -22.76
C LYS A 198 -11.19 -8.01 -21.77
N GLU A 199 -12.14 -7.10 -21.97
CA GLU A 199 -12.21 -5.93 -21.12
C GLU A 199 -12.51 -6.33 -19.68
N MSE A 200 -13.33 -7.37 -19.50
CA MSE A 200 -13.61 -7.95 -18.18
C MSE A 200 -12.42 -8.70 -17.57
O MSE A 200 -12.24 -8.68 -16.35
CB MSE A 200 -14.84 -8.87 -18.23
CG MSE A 200 -16.16 -8.15 -18.47
SE MSE A 200 -16.55 -6.67 -17.20
CE MSE A 200 -15.91 -5.13 -18.21
N ALA A 201 -11.62 -9.35 -18.43
CA ALA A 201 -10.38 -10.05 -18.03
C ALA A 201 -9.36 -9.10 -17.39
N ASN A 202 -9.20 -7.91 -17.99
CA ASN A 202 -8.29 -6.87 -17.46
C ASN A 202 -8.62 -6.54 -16.00
N PHE A 203 -9.91 -6.45 -15.66
CA PHE A 203 -10.34 -6.25 -14.27
C PHE A 203 -10.10 -7.47 -13.41
N TYR A 204 -10.43 -8.66 -13.89
CA TYR A 204 -10.05 -9.85 -13.16
C TYR A 204 -8.59 -9.79 -12.72
N ALA A 205 -7.70 -9.56 -13.70
CA ALA A 205 -6.26 -9.54 -13.49
C ALA A 205 -5.85 -8.54 -12.44
N ARG A 206 -6.44 -7.34 -12.49
CA ARG A 206 -6.09 -6.32 -11.49
C ARG A 206 -6.53 -6.71 -10.06
N ILE A 207 -7.74 -7.23 -9.93
CA ILE A 207 -8.25 -7.62 -8.63
C ILE A 207 -7.55 -8.87 -8.11
N HIS A 208 -7.25 -9.81 -9.02
CA HIS A 208 -6.48 -10.99 -8.61
C HIS A 208 -5.21 -10.47 -7.93
N HIS A 209 -4.54 -9.51 -8.56
CA HIS A 209 -3.31 -8.95 -8.00
C HIS A 209 -3.47 -8.24 -6.64
N HIS A 210 -4.49 -7.41 -6.51
CA HIS A 210 -4.77 -6.74 -5.26
C HIS A 210 -5.10 -7.71 -4.14
N VAL A 211 -5.90 -8.72 -4.43
CA VAL A 211 -6.20 -9.72 -3.42
C VAL A 211 -4.95 -10.46 -2.91
N GLY A 212 -4.04 -10.81 -3.80
CA GLY A 212 -2.79 -11.46 -3.39
C GLY A 212 -1.95 -10.59 -2.46
N VAL A 213 -1.79 -9.32 -2.83
CA VAL A 213 -1.08 -8.35 -2.02
C VAL A 213 -1.70 -8.20 -0.62
N ILE A 214 -3.03 -8.20 -0.54
CA ILE A 214 -3.72 -8.01 0.72
C ILE A 214 -3.55 -9.22 1.64
N ARG A 215 -3.60 -10.42 1.06
CA ARG A 215 -3.47 -11.60 1.90
C ARG A 215 -2.04 -11.92 2.32
N ARG A 216 -1.05 -11.28 1.68
CA ARG A 216 0.34 -11.35 2.12
C ARG A 216 0.65 -10.45 3.33
N VAL A 217 -0.21 -9.48 3.65
CA VAL A 217 0.02 -8.62 4.80
C VAL A 217 -0.19 -9.48 6.06
N LYS A 218 0.81 -9.46 6.95
CA LYS A 218 0.75 -10.15 8.23
C LYS A 218 0.07 -9.30 9.28
N VAL A 219 -0.99 -9.83 9.87
CA VAL A 219 -1.64 -9.17 10.99
C VAL A 219 -0.76 -9.37 12.22
N CYS A 220 -0.36 -8.26 12.84
CA CYS A 220 0.59 -8.24 13.97
C CYS A 220 -0.06 -7.80 15.27
N ALA A 221 0.52 -8.25 16.38
CA ALA A 221 0.12 -7.75 17.70
C ALA A 221 1.31 -7.71 18.65
N LYS A 222 1.16 -6.96 19.73
CA LYS A 222 2.16 -6.93 20.79
C LYS A 222 1.48 -7.25 22.12
N PHE A 223 2.28 -7.31 23.19
CA PHE A 223 1.77 -7.59 24.53
C PHE A 223 2.93 -7.28 25.47
N ASN A 224 3.31 -6.00 25.56
CA ASN A 224 4.61 -5.62 26.16
C ASN A 224 4.51 -4.69 27.37
N GLY A 225 3.31 -4.52 27.92
CA GLY A 225 3.14 -3.69 29.10
C GLY A 225 3.18 -2.20 28.80
N ALA A 226 3.08 -1.40 29.86
CA ALA A 226 2.76 0.04 29.81
C ALA A 226 3.36 0.86 28.66
N VAL A 227 4.58 0.55 28.28
CA VAL A 227 5.40 1.47 27.50
C VAL A 227 6.19 0.73 26.42
N GLY A 228 5.95 -0.58 26.34
CA GLY A 228 6.53 -1.42 25.28
C GLY A 228 7.76 -2.23 25.65
N ASN A 229 8.21 -2.08 26.89
CA ASN A 229 9.57 -2.48 27.31
C ASN A 229 9.65 -3.60 28.37
N PHE A 230 8.48 -4.16 28.73
CA PHE A 230 8.43 -5.20 29.74
C PHE A 230 8.97 -4.75 31.12
N ASN A 231 8.82 -3.46 31.45
CA ASN A 231 9.25 -2.92 32.74
C ASN A 231 8.70 -3.72 33.91
N ALA A 232 7.39 -3.94 33.90
CA ALA A 232 6.69 -4.63 34.96
C ALA A 232 7.09 -6.09 34.99
N HIS A 233 7.15 -6.70 33.79
CA HIS A 233 7.47 -8.11 33.58
C HIS A 233 8.85 -8.48 34.09
N LYS A 234 9.81 -7.57 33.90
CA LYS A 234 11.17 -7.78 34.35
C LYS A 234 11.27 -7.86 35.89
N VAL A 235 10.58 -6.97 36.60
CA VAL A 235 10.53 -6.94 38.05
C VAL A 235 9.78 -8.16 38.61
N ALA A 236 8.70 -8.56 37.93
CA ALA A 236 7.88 -9.71 38.35
C ALA A 236 8.59 -11.04 38.19
N SER A 237 9.34 -11.22 37.11
CA SER A 237 10.08 -12.47 36.90
C SER A 237 11.37 -12.20 36.13
N LYS A 238 12.46 -12.01 36.87
CA LYS A 238 13.71 -11.49 36.31
C LYS A 238 14.42 -12.39 35.31
N ASP A 239 14.16 -13.70 35.37
CA ASP A 239 14.85 -14.66 34.50
C ASP A 239 14.00 -15.15 33.33
N THR A 240 12.76 -14.66 33.25
CA THR A 240 11.91 -14.99 32.10
C THR A 240 12.38 -14.18 30.89
N ASP A 241 12.51 -14.85 29.75
CA ASP A 241 12.75 -14.20 28.45
C ASP A 241 11.39 -13.82 27.94
N TRP A 242 11.00 -12.56 28.11
CA TRP A 242 9.65 -12.14 27.78
C TRP A 242 9.37 -12.00 26.27
N VAL A 243 10.40 -11.70 25.50
CA VAL A 243 10.30 -11.68 24.03
C VAL A 243 9.88 -13.04 23.48
N ASN A 244 10.59 -14.09 23.87
CA ASN A 244 10.22 -15.45 23.48
C ASN A 244 8.88 -15.85 24.09
N THR A 245 8.66 -15.45 25.33
CA THR A 245 7.41 -15.80 26.04
C THR A 245 6.16 -15.19 25.40
N ILE A 246 6.22 -13.91 25.04
CA ILE A 246 5.07 -13.27 24.38
C ILE A 246 4.91 -13.79 22.95
N GLY A 247 6.03 -14.07 22.28
CA GLY A 247 5.98 -14.71 20.98
C GLY A 247 5.16 -15.98 21.03
N LEU A 248 5.45 -16.80 22.04
CA LEU A 248 4.72 -18.04 22.30
C LEU A 248 3.25 -17.77 22.58
N PHE A 249 2.99 -16.88 23.53
CA PHE A 249 1.64 -16.49 23.89
C PHE A 249 0.83 -16.14 22.64
N LEU A 250 1.35 -15.19 21.84
CA LEU A 250 0.60 -14.72 20.64
C LEU A 250 0.42 -15.78 19.56
N LYS A 251 1.45 -16.61 19.34
CA LYS A 251 1.37 -17.68 18.33
C LYS A 251 0.42 -18.79 18.79
N LYS A 252 0.67 -19.35 19.98
CA LYS A 252 -0.16 -20.44 20.51
C LYS A 252 -1.64 -20.10 20.71
N HIS A 253 -1.93 -18.92 21.25
CA HIS A 253 -3.33 -18.64 21.62
C HIS A 253 -4.13 -17.85 20.57
N PHE A 254 -3.45 -17.25 19.59
CA PHE A 254 -4.17 -16.42 18.62
C PHE A 254 -3.71 -16.60 17.16
N ASN A 255 -2.65 -17.39 16.97
CA ASN A 255 -2.00 -17.52 15.64
C ASN A 255 -1.62 -16.16 15.02
N LEU A 256 -1.13 -15.25 15.85
CA LEU A 256 -0.71 -13.92 15.40
C LEU A 256 0.80 -13.76 15.30
N THR A 257 1.25 -12.98 14.32
CA THR A 257 2.64 -12.50 14.25
C THR A 257 2.89 -11.53 15.40
N TYR A 258 4.10 -11.58 15.97
CA TYR A 258 4.51 -10.71 17.08
C TYR A 258 5.37 -9.54 16.59
N SER A 259 4.85 -8.32 16.70
CA SER A 259 5.66 -7.16 16.47
C SER A 259 6.29 -6.76 17.80
N ILE A 260 7.58 -7.07 17.94
CA ILE A 260 8.31 -6.88 19.19
C ILE A 260 8.44 -5.42 19.59
N TYR A 261 8.62 -4.55 18.61
CA TYR A 261 8.93 -3.15 18.84
C TYR A 261 7.68 -2.29 18.85
N CYS A 262 7.41 -1.66 19.99
CA CYS A 262 6.22 -0.86 20.20
C CYS A 262 6.45 0.13 21.35
N THR A 263 5.52 1.08 21.52
CA THR A 263 5.49 1.99 22.66
C THR A 263 4.38 1.48 23.58
N GLN A 264 3.52 2.36 24.12
CA GLN A 264 2.29 1.90 24.78
C GLN A 264 1.33 1.29 23.76
N ILE A 265 1.46 1.71 22.51
CA ILE A 265 0.60 1.20 21.43
C ILE A 265 1.39 0.39 20.42
N GLN A 266 0.70 -0.56 19.77
CA GLN A 266 1.14 -1.17 18.53
C GLN A 266 1.17 -0.07 17.43
N ASP A 267 2.20 -0.07 16.57
CA ASP A 267 2.41 1.01 15.58
C ASP A 267 1.31 1.19 14.51
N HIS A 268 0.50 0.16 14.27
CA HIS A 268 -0.65 0.23 13.35
C HIS A 268 -0.26 0.12 11.90
N ASP A 269 1.03 -0.04 11.62
CA ASP A 269 1.50 -0.01 10.24
C ASP A 269 0.86 -1.09 9.37
N TYR A 270 0.51 -2.23 9.96
CA TYR A 270 -0.13 -3.32 9.22
C TYR A 270 -1.57 -2.97 8.81
N ILE A 271 -2.28 -2.25 9.68
CA ILE A 271 -3.62 -1.75 9.34
C ILE A 271 -3.56 -0.82 8.11
N CYS A 272 -2.61 0.11 8.14
CA CYS A 272 -2.32 1.01 7.04
C CYS A 272 -2.05 0.28 5.72
N GLU A 273 -1.25 -0.79 5.77
CA GLU A 273 -0.95 -1.62 4.61
C GLU A 273 -2.19 -2.30 4.04
N LEU A 274 -3.01 -2.85 4.93
CA LEU A 274 -4.22 -3.56 4.54
C LEU A 274 -5.15 -2.59 3.87
N CYS A 275 -5.43 -1.47 4.55
CA CYS A 275 -6.29 -0.42 4.02
C CYS A 275 -5.80 0.21 2.72
N ASP A 276 -4.48 0.39 2.58
CA ASP A 276 -3.91 0.82 1.29
C ASP A 276 -4.24 -0.18 0.17
N GLY A 277 -4.07 -1.47 0.48
CA GLY A 277 -4.37 -2.59 -0.39
C GLY A 277 -5.84 -2.67 -0.76
N LEU A 278 -6.73 -2.58 0.22
CA LEU A 278 -8.16 -2.53 -0.09
C LEU A 278 -8.55 -1.27 -0.88
N ALA A 279 -7.84 -0.16 -0.65
CA ALA A 279 -8.15 1.09 -1.36
C ALA A 279 -7.74 1.01 -2.84
N ARG A 280 -6.67 0.31 -3.13
CA ARG A 280 -6.28 0.06 -4.53
C ARG A 280 -7.26 -0.88 -5.23
N ALA A 281 -7.71 -1.93 -4.53
CA ALA A 281 -8.76 -2.81 -5.00
C ALA A 281 -10.01 -2.01 -5.35
N ASN A 282 -10.42 -1.11 -4.44
CA ASN A 282 -11.59 -0.24 -4.60
C ASN A 282 -11.48 0.74 -5.76
N GLY A 283 -10.29 1.29 -5.98
CA GLY A 283 -10.06 2.13 -7.14
C GLY A 283 -10.24 1.37 -8.46
N THR A 284 -9.83 0.09 -8.51
CA THR A 284 -10.05 -0.78 -9.68
C THR A 284 -11.53 -1.02 -9.94
N LEU A 285 -12.26 -1.22 -8.85
CA LEU A 285 -13.69 -1.44 -8.91
C LEU A 285 -14.45 -0.18 -9.31
N ILE A 286 -13.95 1.00 -8.91
CA ILE A 286 -14.52 2.28 -9.40
C ILE A 286 -14.34 2.38 -10.92
N ASP A 287 -13.15 2.03 -11.40
CA ASP A 287 -12.85 2.01 -12.83
C ASP A 287 -13.86 1.09 -13.54
N LEU A 288 -14.05 -0.10 -12.99
CA LEU A 288 -15.02 -1.07 -13.50
C LEU A 288 -16.46 -0.51 -13.51
N CYS A 289 -16.88 0.04 -12.37
CA CYS A 289 -18.22 0.63 -12.26
C CYS A 289 -18.49 1.69 -13.31
N VAL A 290 -17.55 2.60 -13.53
CA VAL A 290 -17.67 3.66 -14.53
C VAL A 290 -17.68 3.12 -15.97
N ASP A 291 -16.80 2.17 -16.30
CA ASP A 291 -16.78 1.55 -17.63
C ASP A 291 -18.10 0.86 -17.98
N ILE A 292 -18.65 0.08 -17.04
CA ILE A 292 -19.96 -0.58 -17.21
C ILE A 292 -21.11 0.45 -17.40
N TRP A 293 -21.13 1.49 -16.57
CA TRP A 293 -22.02 2.63 -16.76
C TRP A 293 -21.92 3.15 -18.19
N LEU A 294 -20.67 3.32 -18.65
CA LEU A 294 -20.39 3.79 -20.02
C LEU A 294 -20.84 2.81 -21.12
N TYR A 295 -20.50 1.52 -21.01
CA TYR A 295 -20.99 0.51 -21.95
C TYR A 295 -22.54 0.45 -21.98
N ILE A 296 -23.17 0.49 -20.81
CA ILE A 296 -24.64 0.54 -20.73
C ILE A 296 -25.20 1.80 -21.38
N SER A 297 -24.50 2.92 -21.20
CA SER A 297 -24.90 4.21 -21.76
C SER A 297 -24.80 4.21 -23.29
N ASN A 298 -23.83 3.46 -23.79
CA ASN A 298 -23.57 3.33 -25.21
C ASN A 298 -24.44 2.24 -25.82
N ASN A 299 -25.25 1.60 -24.99
CA ASN A 299 -26.21 0.61 -25.43
C ASN A 299 -25.62 -0.75 -25.84
N LEU A 300 -24.43 -1.04 -25.34
CA LEU A 300 -23.69 -2.25 -25.71
C LEU A 300 -23.96 -3.39 -24.75
N LEU A 301 -24.42 -3.03 -23.56
CA LEU A 301 -24.83 -3.99 -22.56
C LEU A 301 -26.26 -3.66 -22.18
N LYS A 302 -26.94 -4.65 -21.64
CA LYS A 302 -28.27 -4.45 -21.11
C LYS A 302 -28.31 -5.11 -19.75
N LEU A 303 -29.22 -4.65 -18.90
CA LEU A 303 -29.41 -5.21 -17.57
C LEU A 303 -30.70 -6.04 -17.50
N LYS A 304 -30.52 -7.28 -17.08
CA LYS A 304 -31.61 -8.20 -16.77
C LYS A 304 -32.19 -7.90 -15.38
N SER A 312 -38.01 6.06 -15.11
CA SER A 312 -38.56 4.86 -14.49
C SER A 312 -39.88 5.19 -13.80
N SER A 313 -39.94 6.36 -13.18
CA SER A 313 -41.20 6.91 -12.67
C SER A 313 -42.14 7.32 -13.82
N THR A 314 -41.55 7.52 -14.99
CA THR A 314 -42.27 8.03 -16.16
C THR A 314 -42.07 7.17 -17.39
N MSE A 315 -40.84 6.75 -17.62
CA MSE A 315 -40.48 5.98 -18.80
C MSE A 315 -40.44 4.48 -18.48
O MSE A 315 -39.54 4.03 -17.78
CB MSE A 315 -39.16 6.48 -19.38
CG MSE A 315 -39.24 7.88 -19.89
SE MSE A 315 -37.50 8.66 -20.28
CE MSE A 315 -37.00 7.59 -21.83
N PRO A 316 -41.44 3.74 -18.98
CA PRO A 316 -41.64 2.33 -18.57
C PRO A 316 -40.51 1.36 -18.96
N HIS A 317 -39.75 1.66 -20.01
CA HIS A 317 -38.63 0.80 -20.41
C HIS A 317 -37.24 1.38 -20.13
N LYS A 318 -37.16 2.44 -19.31
CA LYS A 318 -35.87 2.99 -18.87
C LYS A 318 -35.28 2.08 -17.77
N VAL A 319 -34.05 1.63 -17.99
CA VAL A 319 -33.36 0.78 -17.01
C VAL A 319 -31.95 1.29 -16.72
N ASN A 320 -31.77 1.69 -15.47
CA ASN A 320 -30.59 2.42 -15.03
C ASN A 320 -29.62 1.49 -14.32
N PRO A 321 -28.30 1.71 -14.51
CA PRO A 321 -27.27 0.93 -13.83
C PRO A 321 -27.06 1.35 -12.36
N ILE A 322 -28.13 1.33 -11.56
CA ILE A 322 -28.02 1.86 -10.19
C ILE A 322 -27.08 1.06 -9.24
N ASP A 323 -26.94 -0.25 -9.46
CA ASP A 323 -26.02 -1.07 -8.67
C ASP A 323 -24.57 -0.59 -8.77
N PHE A 324 -24.15 -0.28 -10.00
CA PHE A 324 -22.82 0.23 -10.26
C PHE A 324 -22.66 1.65 -9.74
N GLU A 325 -23.71 2.47 -9.85
CA GLU A 325 -23.64 3.85 -9.35
C GLU A 325 -23.56 3.86 -7.82
N ASN A 326 -24.40 3.05 -7.17
CA ASN A 326 -24.41 2.96 -5.70
C ASN A 326 -23.06 2.46 -5.16
N ALA A 327 -22.50 1.43 -5.82
CA ALA A 327 -21.16 0.94 -5.51
C ALA A 327 -20.10 2.02 -5.68
N GLU A 328 -20.16 2.74 -6.80
CA GLU A 328 -19.18 3.81 -7.09
C GLU A 328 -19.08 4.77 -5.89
N GLY A 329 -20.23 5.19 -5.38
CA GLY A 329 -20.28 6.11 -4.26
C GLY A 329 -19.77 5.51 -2.96
N ASN A 330 -20.20 4.31 -2.64
CA ASN A 330 -19.73 3.66 -1.42
C ASN A 330 -18.24 3.28 -1.43
N LEU A 331 -17.65 3.05 -2.61
CA LEU A 331 -16.20 2.78 -2.72
C LEU A 331 -15.41 4.05 -2.43
N HIS A 332 -15.89 5.20 -2.95
CA HIS A 332 -15.27 6.47 -2.63
C HIS A 332 -15.25 6.78 -1.13
N ILE A 333 -16.36 6.50 -0.44
CA ILE A 333 -16.50 6.67 1.02
C ILE A 333 -15.55 5.74 1.78
N ALA A 334 -15.53 4.47 1.40
CA ALA A 334 -14.59 3.50 1.98
C ALA A 334 -13.18 4.09 1.92
N ASN A 335 -12.80 4.58 0.73
CA ASN A 335 -11.45 5.10 0.49
C ASN A 335 -11.12 6.36 1.26
N ALA A 336 -12.13 7.17 1.56
CA ALA A 336 -11.97 8.36 2.42
C ALA A 336 -11.49 7.94 3.82
N PHE A 337 -12.16 6.95 4.38
CA PHE A 337 -11.72 6.28 5.62
C PHE A 337 -10.30 5.69 5.50
N PHE A 338 -10.02 4.96 4.42
CA PHE A 338 -8.68 4.37 4.24
C PHE A 338 -7.55 5.38 4.15
N LYS A 339 -7.80 6.50 3.46
CA LYS A 339 -6.83 7.57 3.38
C LYS A 339 -6.64 8.18 4.73
N LEU A 340 -7.72 8.38 5.47
CA LEU A 340 -7.63 8.86 6.86
C LEU A 340 -6.73 7.93 7.69
N PHE A 341 -7.03 6.63 7.67
CA PHE A 341 -6.27 5.70 8.48
C PHE A 341 -4.78 5.83 8.15
N SER A 342 -4.39 5.74 6.89
CA SER A 342 -2.97 5.67 6.63
C SER A 342 -2.26 7.02 6.79
N SER A 343 -3.03 8.09 6.94
CA SER A 343 -2.42 9.38 7.20
C SER A 343 -2.31 9.72 8.71
N LYS A 344 -3.31 9.35 9.50
CA LYS A 344 -3.28 9.64 10.94
C LYS A 344 -2.72 8.54 11.81
N LEU A 345 -2.96 7.28 11.44
CA LEU A 345 -2.49 6.16 12.26
C LEU A 345 -0.96 6.14 12.50
N PRO A 346 -0.14 6.55 11.52
CA PRO A 346 1.32 6.54 11.78
C PRO A 346 1.84 7.54 12.80
N THR A 347 1.07 8.55 13.16
CA THR A 347 1.51 9.53 14.14
C THR A 347 0.83 9.41 15.52
N SER A 348 1.65 9.25 16.54
CA SER A 348 1.20 9.15 17.91
C SER A 348 2.31 9.80 18.70
N ARG A 349 2.00 10.89 19.37
CA ARG A 349 3.03 11.70 20.02
C ARG A 349 3.73 10.93 21.13
N LEU A 350 5.06 10.84 21.02
CA LEU A 350 5.89 10.19 22.02
C LEU A 350 5.47 8.72 22.26
N GLN A 351 5.25 8.33 23.52
CA GLN A 351 5.00 6.93 23.78
C GLN A 351 3.52 6.59 23.67
N ARG A 352 2.73 7.63 23.38
CA ARG A 352 1.44 7.57 22.67
C ARG A 352 0.57 8.80 22.96
N ASP A 353 -0.22 9.22 21.99
CA ASP A 353 -1.38 10.08 22.30
C ASP A 353 -2.62 9.26 22.00
N LEU A 354 -3.75 9.63 22.59
CA LEU A 354 -4.96 8.80 22.50
C LEU A 354 -5.81 8.95 21.22
N SER A 355 -5.50 9.91 20.38
CA SER A 355 -6.32 10.17 19.20
C SER A 355 -6.42 8.97 18.25
N ASP A 356 -5.47 8.06 18.34
CA ASP A 356 -5.46 6.85 17.53
C ASP A 356 -6.70 5.98 17.77
N SER A 357 -7.19 5.98 19.01
CA SER A 357 -8.23 5.04 19.40
C SER A 357 -9.64 5.42 18.93
N THR A 358 -9.98 6.72 18.84
CA THR A 358 -11.26 7.08 18.21
C THR A 358 -11.26 6.76 16.73
N VAL A 359 -10.10 6.92 16.10
CA VAL A 359 -9.98 6.64 14.68
C VAL A 359 -10.14 5.15 14.42
N LEU A 360 -9.36 4.34 15.16
CA LEU A 360 -9.41 2.87 15.09
C LEU A 360 -10.82 2.28 15.21
N ARG A 361 -11.69 3.01 15.91
CA ARG A 361 -13.06 2.58 16.18
C ARG A 361 -13.88 2.59 14.90
N ASN A 362 -13.34 3.18 13.84
CA ASN A 362 -14.00 3.29 12.56
C ASN A 362 -13.60 2.29 11.49
N ILE A 363 -12.73 1.34 11.84
CA ILE A 363 -12.33 0.30 10.86
C ILE A 363 -13.56 -0.48 10.41
N GLY A 364 -14.46 -0.75 11.35
CA GLY A 364 -15.72 -1.41 11.06
C GLY A 364 -16.52 -0.69 10.00
N SER A 365 -16.74 0.63 10.19
CA SER A 365 -17.44 1.46 9.23
C SER A 365 -16.76 1.40 7.88
N SER A 366 -15.44 1.59 7.84
CA SER A 366 -14.71 1.55 6.59
C SER A 366 -15.02 0.26 5.81
N LEU A 367 -14.98 -0.89 6.50
CA LEU A 367 -15.16 -2.20 5.87
C LEU A 367 -16.63 -2.49 5.54
N ALA A 368 -17.54 -1.83 6.25
CA ALA A 368 -18.97 -1.92 5.92
C ALA A 368 -19.26 -1.22 4.59
N TYR A 369 -18.69 -0.02 4.37
CA TYR A 369 -18.82 0.65 3.09
C TYR A 369 -18.23 -0.20 1.96
N CYS A 370 -17.06 -0.80 2.19
CA CYS A 370 -16.50 -1.81 1.28
C CYS A 370 -17.53 -2.89 0.96
N LEU A 371 -18.06 -3.51 2.00
CA LEU A 371 -18.96 -4.64 1.85
C LEU A 371 -20.26 -4.28 1.12
N ILE A 372 -20.87 -3.15 1.48
CA ILE A 372 -22.02 -2.61 0.76
C ILE A 372 -21.71 -2.46 -0.73
N ALA A 373 -20.60 -1.81 -1.06
CA ALA A 373 -20.17 -1.64 -2.45
C ALA A 373 -19.96 -2.98 -3.16
N TYR A 374 -19.24 -3.92 -2.53
CA TYR A 374 -18.89 -5.22 -3.15
C TYR A 374 -20.13 -6.03 -3.49
N LYS A 375 -21.11 -5.99 -2.59
CA LYS A 375 -22.40 -6.64 -2.84
C LYS A 375 -23.19 -6.00 -3.97
N SER A 376 -23.08 -4.68 -4.14
CA SER A 376 -23.72 -3.97 -5.28
C SER A 376 -23.05 -4.27 -6.62
N VAL A 377 -21.73 -4.30 -6.64
CA VAL A 377 -20.99 -4.75 -7.84
C VAL A 377 -21.46 -6.16 -8.27
N LEU A 378 -21.47 -7.11 -7.34
CA LEU A 378 -22.01 -8.45 -7.61
C LEU A 378 -23.47 -8.47 -8.10
N LYS A 379 -24.39 -7.81 -7.40
CA LYS A 379 -25.76 -7.65 -7.92
C LYS A 379 -25.71 -7.12 -9.36
N GLY A 380 -24.89 -6.10 -9.59
CA GLY A 380 -24.80 -5.49 -10.90
C GLY A 380 -24.30 -6.40 -12.00
N LEU A 381 -23.20 -7.09 -11.72
CA LEU A 381 -22.54 -8.00 -12.68
C LEU A 381 -23.43 -9.17 -13.09
N ASN A 382 -24.24 -9.65 -12.16
CA ASN A 382 -25.21 -10.72 -12.42
C ASN A 382 -26.43 -10.31 -13.29
N LYS A 383 -26.66 -9.01 -13.45
CA LYS A 383 -27.71 -8.51 -14.34
C LYS A 383 -27.24 -8.27 -15.79
N ILE A 384 -25.92 -8.25 -16.00
CA ILE A 384 -25.33 -7.89 -17.29
C ILE A 384 -25.64 -8.92 -18.37
N ASP A 385 -26.05 -8.42 -19.53
CA ASP A 385 -26.00 -9.19 -20.76
C ASP A 385 -25.46 -8.30 -21.84
N ILE A 386 -24.85 -8.91 -22.86
CA ILE A 386 -24.45 -8.19 -24.07
C ILE A 386 -25.65 -7.84 -24.94
N ASP A 387 -25.49 -6.79 -25.74
CA ASP A 387 -26.43 -6.39 -26.78
C ASP A 387 -25.71 -6.60 -28.08
N ARG A 388 -25.84 -7.82 -28.61
CA ARG A 388 -25.10 -8.25 -29.80
C ARG A 388 -25.30 -7.37 -31.01
N ARG A 389 -26.55 -7.12 -31.35
CA ARG A 389 -26.92 -6.32 -32.52
C ARG A 389 -26.28 -4.96 -32.43
N ASN A 390 -26.32 -4.34 -31.25
CA ASN A 390 -25.71 -3.02 -31.05
C ASN A 390 -24.18 -3.06 -31.09
N LEU A 391 -23.58 -4.10 -30.49
CA LEU A 391 -22.13 -4.29 -30.59
C LEU A 391 -21.66 -4.41 -32.05
N GLU A 392 -22.33 -5.26 -32.83
CA GLU A 392 -21.95 -5.45 -34.23
C GLU A 392 -22.27 -4.28 -35.16
N GLU A 393 -23.39 -3.59 -34.94
CA GLU A 393 -23.69 -2.37 -35.70
C GLU A 393 -22.62 -1.30 -35.56
N GLU A 394 -22.21 -1.04 -34.33
CA GLU A 394 -21.18 -0.04 -34.07
C GLU A 394 -19.86 -0.39 -34.76
N LEU A 395 -19.43 -1.64 -34.67
CA LEU A 395 -18.22 -2.09 -35.34
C LEU A 395 -18.30 -1.89 -36.86
N ASN A 396 -19.46 -2.21 -37.44
CA ASN A 396 -19.68 -2.06 -38.87
C ASN A 396 -19.83 -0.60 -39.34
N GLN A 397 -19.98 0.32 -38.40
CA GLN A 397 -20.00 1.77 -38.70
C GLN A 397 -18.62 2.42 -38.47
N ASN A 398 -17.61 1.60 -38.20
CA ASN A 398 -16.29 2.15 -37.82
C ASN A 398 -15.11 1.49 -38.55
N TRP A 399 -15.24 1.45 -39.87
CA TRP A 399 -14.28 0.84 -40.76
C TRP A 399 -12.93 1.52 -40.76
N SER A 400 -12.89 2.80 -40.39
CA SER A 400 -11.63 3.55 -40.25
C SER A 400 -10.63 2.95 -39.24
N THR A 401 -11.10 2.13 -38.30
CA THR A 401 -10.19 1.43 -37.37
C THR A 401 -9.31 0.35 -38.07
N LEU A 402 -9.51 0.14 -39.38
CA LEU A 402 -8.68 -0.76 -40.16
C LEU A 402 -7.50 -0.03 -40.77
N ALA A 403 -7.35 1.25 -40.41
CA ALA A 403 -6.25 2.08 -40.89
C ALA A 403 -4.91 1.42 -40.59
N GLU A 404 -4.74 1.00 -39.34
CA GLU A 404 -3.47 0.43 -38.88
C GLU A 404 -3.06 -0.92 -39.49
N PRO A 405 -3.96 -1.91 -39.51
CA PRO A 405 -3.50 -3.18 -40.10
C PRO A 405 -3.13 -3.04 -41.59
N ILE A 406 -3.84 -2.20 -42.35
CA ILE A 406 -3.46 -1.91 -43.74
C ILE A 406 -2.05 -1.31 -43.81
N GLN A 407 -1.76 -0.29 -43.00
CA GLN A 407 -0.43 0.33 -42.93
C GLN A 407 0.68 -0.63 -42.53
N ILE A 408 0.37 -1.51 -41.59
CA ILE A 408 1.30 -2.52 -41.07
C ILE A 408 1.74 -3.50 -42.18
N VAL A 409 0.76 -3.96 -42.95
CA VAL A 409 0.98 -4.86 -44.08
C VAL A 409 1.74 -4.19 -45.21
N MSE A 410 1.43 -2.92 -45.50
CA MSE A 410 2.14 -2.16 -46.51
C MSE A 410 3.61 -2.03 -46.18
O MSE A 410 4.47 -2.21 -47.04
CB MSE A 410 1.52 -0.76 -46.67
CG MSE A 410 0.13 -0.75 -47.26
SE MSE A 410 -0.54 1.10 -47.31
CE MSE A 410 0.17 1.63 -49.06
N LYS A 411 3.90 -1.70 -44.91
CA LYS A 411 5.25 -1.51 -44.39
C LYS A 411 6.05 -2.80 -44.36
N ARG A 412 5.35 -3.93 -44.20
CA ARG A 412 5.96 -5.25 -44.22
C ARG A 412 6.49 -5.58 -45.61
N HIS A 413 5.84 -5.03 -46.65
CA HIS A 413 6.30 -5.17 -48.03
C HIS A 413 6.95 -3.86 -48.52
N ASN A 414 7.65 -3.22 -47.58
CA ASN A 414 8.57 -2.11 -47.85
C ASN A 414 7.97 -0.77 -48.26
N TYR A 415 6.66 -0.60 -48.05
CA TYR A 415 6.02 0.71 -48.29
C TYR A 415 6.55 1.76 -47.31
N VAL A 416 6.68 2.99 -47.79
CA VAL A 416 7.18 4.11 -46.98
C VAL A 416 6.10 5.19 -46.95
N ASP A 417 5.91 5.82 -45.79
CA ASP A 417 4.87 6.86 -45.62
C ASP A 417 3.46 6.31 -45.86
N ALA A 418 3.18 5.13 -45.31
CA ALA A 418 1.88 4.48 -45.42
C ALA A 418 0.73 5.34 -44.85
N TYR A 419 1.00 6.04 -43.75
CA TYR A 419 -0.02 6.85 -43.07
C TYR A 419 -0.48 8.02 -43.93
N GLU A 420 0.51 8.74 -44.43
CA GLU A 420 0.33 9.91 -45.27
C GLU A 420 -0.41 9.55 -46.57
N GLU A 421 -0.19 8.33 -47.08
CA GLU A 421 -0.90 7.80 -48.26
C GLU A 421 -2.38 7.59 -48.01
N LEU A 422 -2.71 7.04 -46.84
CA LEU A 422 -4.11 6.84 -46.45
C LEU A 422 -4.78 8.18 -46.17
N LYS A 423 -4.04 9.07 -45.51
CA LYS A 423 -4.47 10.42 -45.17
C LYS A 423 -4.82 11.21 -46.43
N GLN A 424 -3.93 11.17 -47.41
CA GLN A 424 -4.14 11.80 -48.71
C GLN A 424 -5.35 11.26 -49.46
N PHE A 425 -5.54 9.94 -49.42
CA PHE A 425 -6.66 9.29 -50.10
C PHE A 425 -8.03 9.60 -49.49
N THR A 426 -8.05 9.87 -48.19
CA THR A 426 -9.31 10.06 -47.47
C THR A 426 -9.64 11.54 -47.25
N ARG A 427 -8.71 12.40 -47.64
CA ARG A 427 -8.85 13.86 -47.53
C ARG A 427 -10.20 14.29 -48.11
N GLY A 428 -11.04 14.88 -47.25
CA GLY A 428 -12.30 15.45 -47.68
C GLY A 428 -13.42 14.43 -47.73
N LYS A 429 -13.13 13.20 -47.34
CA LYS A 429 -14.10 12.12 -47.39
C LYS A 429 -14.57 11.66 -46.01
N VAL A 430 -15.79 11.15 -45.94
CA VAL A 430 -16.32 10.54 -44.73
C VAL A 430 -15.99 9.05 -44.82
N ILE A 431 -14.96 8.63 -44.07
CA ILE A 431 -14.42 7.28 -44.21
C ILE A 431 -15.49 6.24 -43.90
N ASP A 432 -15.66 5.29 -44.81
CA ASP A 432 -16.60 4.21 -44.60
C ASP A 432 -15.99 2.92 -45.16
N GLN A 433 -16.74 1.82 -45.13
CA GLN A 433 -16.28 0.54 -45.66
C GLN A 433 -15.82 0.60 -47.12
N LYS A 434 -16.58 1.31 -47.94
CA LYS A 434 -16.29 1.35 -49.37
C LYS A 434 -15.00 2.09 -49.67
N ILE A 435 -14.80 3.19 -48.97
CA ILE A 435 -13.54 3.94 -49.04
C ILE A 435 -12.31 3.10 -48.62
N MSE A 436 -12.37 2.45 -47.46
CA MSE A 436 -11.25 1.61 -46.95
C MSE A 436 -10.89 0.45 -47.88
O MSE A 436 -9.73 0.16 -48.12
CB MSE A 436 -11.55 1.08 -45.53
CG MSE A 436 -11.64 2.16 -44.46
SE MSE A 436 -10.05 3.31 -44.32
CE MSE A 436 -8.80 2.04 -43.55
N GLN A 437 -11.92 -0.22 -48.40
CA GLN A 437 -11.72 -1.33 -49.29
C GLN A 437 -11.35 -0.88 -50.71
N GLU A 438 -11.79 0.31 -51.11
CA GLU A 438 -11.27 0.90 -52.33
C GLU A 438 -9.76 1.26 -52.18
N PHE A 439 -9.37 1.72 -50.98
CA PHE A 439 -7.96 1.99 -50.70
C PHE A 439 -7.12 0.73 -50.87
N ILE A 440 -7.61 -0.38 -50.34
CA ILE A 440 -6.93 -1.68 -50.45
C ILE A 440 -6.82 -2.13 -51.90
N LYS A 441 -7.93 -2.12 -52.63
CA LYS A 441 -7.97 -2.55 -54.03
C LYS A 441 -6.99 -1.79 -54.93
N THR A 442 -6.93 -0.46 -54.81
CA THR A 442 -6.18 0.33 -55.77
C THR A 442 -4.82 0.83 -55.30
N LYS A 443 -4.71 1.14 -54.01
CA LYS A 443 -3.48 1.71 -53.49
C LYS A 443 -2.55 0.65 -52.92
N CYS A 444 -3.09 -0.55 -52.61
CA CYS A 444 -2.26 -1.63 -52.04
C CYS A 444 -2.10 -2.82 -52.99
N ALA A 445 -2.42 -2.62 -54.26
CA ALA A 445 -2.40 -3.71 -55.24
C ALA A 445 -1.00 -4.27 -55.55
N PHE A 446 0.03 -3.51 -55.18
CA PHE A 446 1.43 -3.97 -55.30
C PHE A 446 1.77 -5.18 -54.41
N LEU A 447 0.93 -5.43 -53.40
CA LEU A 447 1.08 -6.58 -52.50
C LEU A 447 0.77 -7.90 -53.21
N PRO A 448 1.38 -9.03 -52.76
CA PRO A 448 0.95 -10.32 -53.31
C PRO A 448 -0.56 -10.45 -53.17
N GLN A 449 -1.22 -11.04 -54.17
CA GLN A 449 -2.68 -11.07 -54.22
C GLN A 449 -3.32 -11.87 -53.07
N ASP A 450 -2.59 -12.83 -52.52
CA ASP A 450 -3.05 -13.54 -51.32
C ASP A 450 -3.16 -12.56 -50.15
N VAL A 451 -2.19 -11.66 -50.02
CA VAL A 451 -2.19 -10.65 -48.98
C VAL A 451 -3.30 -9.61 -49.24
N VAL A 452 -3.47 -9.19 -50.48
CA VAL A 452 -4.59 -8.32 -50.86
C VAL A 452 -5.94 -8.92 -50.43
N ASP A 453 -6.13 -10.21 -50.74
CA ASP A 453 -7.36 -10.94 -50.39
C ASP A 453 -7.58 -11.02 -48.88
N GLN A 454 -6.50 -11.22 -48.13
CA GLN A 454 -6.54 -11.22 -46.66
C GLN A 454 -6.97 -9.87 -46.08
N LEU A 455 -6.45 -8.78 -46.64
CA LEU A 455 -6.89 -7.45 -46.24
C LEU A 455 -8.36 -7.18 -46.56
N LEU A 456 -8.82 -7.67 -47.71
CA LEU A 456 -10.23 -7.51 -48.12
C LEU A 456 -11.17 -8.39 -47.31
N GLU A 457 -10.62 -9.39 -46.65
CA GLU A 457 -11.39 -10.22 -45.75
C GLU A 457 -11.56 -9.61 -44.37
N LEU A 458 -10.72 -8.65 -44.04
CA LEU A 458 -10.72 -8.02 -42.73
C LEU A 458 -11.97 -7.14 -42.55
N THR A 459 -12.55 -7.22 -41.36
CA THR A 459 -13.63 -6.33 -40.93
C THR A 459 -13.26 -5.78 -39.55
N PRO A 460 -13.86 -4.66 -39.12
CA PRO A 460 -13.64 -4.24 -37.74
C PRO A 460 -13.86 -5.33 -36.68
N ALA A 461 -14.97 -6.06 -36.75
CA ALA A 461 -15.29 -7.16 -35.82
C ALA A 461 -14.27 -8.32 -35.82
N THR A 462 -13.44 -8.36 -36.85
CA THR A 462 -12.56 -9.49 -37.11
C THR A 462 -11.08 -9.07 -36.86
N TYR A 463 -10.91 -7.79 -36.54
CA TYR A 463 -9.60 -7.24 -36.17
C TYR A 463 -9.49 -7.07 -34.62
N THR A 464 -9.41 -8.19 -33.90
CA THR A 464 -9.44 -8.18 -32.45
C THR A 464 -8.18 -8.73 -31.76
N GLY A 465 -7.11 -8.95 -32.54
CA GLY A 465 -5.87 -9.49 -32.02
C GLY A 465 -6.04 -10.77 -31.24
N TYR A 466 -5.35 -10.86 -30.10
CA TYR A 466 -5.44 -12.04 -29.24
C TYR A 466 -6.35 -11.82 -28.03
N ALA A 467 -7.29 -10.88 -28.20
CA ALA A 467 -8.32 -10.57 -27.19
C ALA A 467 -9.06 -11.78 -26.70
N ASP A 468 -9.49 -12.64 -27.62
CA ASP A 468 -10.24 -13.85 -27.24
C ASP A 468 -9.34 -14.86 -26.51
N TYR A 469 -8.17 -15.14 -27.07
CA TYR A 469 -7.14 -15.91 -26.37
C TYR A 469 -6.86 -15.38 -24.93
N LEU A 470 -6.61 -14.08 -24.81
CA LEU A 470 -6.27 -13.47 -23.54
C LEU A 470 -7.42 -13.48 -22.51
N ALA A 471 -8.65 -13.29 -22.98
CA ALA A 471 -9.82 -13.36 -22.09
C ALA A 471 -10.07 -14.76 -21.52
N LYS A 472 -10.01 -15.78 -22.36
CA LYS A 472 -10.30 -17.13 -21.87
C LYS A 472 -9.20 -17.76 -21.03
N ASN A 473 -7.99 -17.22 -21.11
CA ASN A 473 -6.86 -17.71 -20.37
C ASN A 473 -6.44 -16.81 -19.20
N VAL A 474 -7.28 -15.83 -18.84
CA VAL A 474 -6.95 -14.88 -17.77
C VAL A 474 -6.64 -15.55 -16.42
N GLU A 475 -7.43 -16.54 -16.05
CA GLU A 475 -7.13 -17.24 -14.79
C GLU A 475 -5.76 -17.90 -14.90
N ARG A 476 -5.58 -18.65 -16.00
CA ARG A 476 -4.37 -19.45 -16.22
C ARG A 476 -3.12 -18.60 -16.30
N LEU A 477 -3.25 -17.45 -16.94
CA LEU A 477 -2.16 -16.54 -17.18
C LEU A 477 -2.14 -15.53 -16.02
N SER A 478 -2.82 -15.95 -14.94
CA SER A 478 -3.15 -15.17 -13.74
C SER A 478 -3.45 -13.67 -13.94
N HIS B 21 16.57 30.46 -13.27
CA HIS B 21 16.64 29.59 -12.05
C HIS B 21 16.03 30.23 -10.78
N LEU B 22 16.38 31.48 -10.51
CA LEU B 22 15.72 32.25 -9.43
C LEU B 22 14.29 32.65 -9.85
N LYS B 23 14.01 32.58 -11.15
CA LYS B 23 12.68 32.83 -11.67
C LYS B 23 11.78 31.58 -11.74
N ASN B 24 12.32 30.43 -11.37
CA ASN B 24 11.54 29.19 -11.30
C ASN B 24 10.44 29.23 -10.25
N ILE B 25 9.26 28.73 -10.61
CA ILE B 25 8.08 28.77 -9.74
C ILE B 25 8.09 27.62 -8.71
N SER B 26 8.49 26.43 -9.17
CA SER B 26 8.59 25.28 -8.29
C SER B 26 9.87 25.33 -7.43
N PRO B 27 9.73 25.11 -6.12
CA PRO B 27 10.92 25.04 -5.27
C PRO B 27 11.78 23.82 -5.58
N ILE B 28 11.19 22.82 -6.23
CA ILE B 28 11.92 21.67 -6.75
C ILE B 28 13.10 22.13 -7.63
N ASP B 29 12.79 22.98 -8.61
CA ASP B 29 13.75 23.51 -9.54
C ASP B 29 14.23 24.91 -9.14
N GLY B 30 13.66 25.42 -8.05
CA GLY B 30 14.10 26.68 -7.46
C GLY B 30 15.04 26.50 -6.29
N ARG B 31 14.56 26.76 -5.09
CA ARG B 31 15.44 26.74 -3.92
C ARG B 31 16.03 25.38 -3.51
N TYR B 32 15.36 24.29 -3.87
CA TYR B 32 15.82 22.95 -3.48
C TYR B 32 16.56 22.20 -4.57
N LYS B 33 16.90 22.89 -5.65
CA LYS B 33 17.53 22.26 -6.82
C LYS B 33 18.80 21.44 -6.52
N LYS B 34 19.66 21.95 -5.63
CA LYS B 34 20.88 21.25 -5.25
C LYS B 34 20.61 19.99 -4.42
N ALA B 35 19.59 20.06 -3.58
CA ALA B 35 19.19 18.93 -2.75
C ALA B 35 18.55 17.79 -3.55
N CYS B 36 17.95 18.08 -4.69
CA CYS B 36 17.23 17.05 -5.43
C CYS B 36 17.65 16.89 -6.89
N GLY B 37 18.68 17.63 -7.29
CA GLY B 37 19.17 17.67 -8.68
C GLY B 37 19.50 16.35 -9.36
N GLU B 38 20.03 15.38 -8.63
CA GLU B 38 20.30 14.06 -9.17
C GLU B 38 19.07 13.30 -9.71
N LEU B 39 17.89 13.84 -9.46
CA LEU B 39 16.67 13.23 -9.99
C LEU B 39 16.42 13.57 -11.47
N SER B 40 17.05 14.63 -11.97
CA SER B 40 16.83 14.98 -13.37
C SER B 40 17.36 13.96 -14.37
N ALA B 41 18.29 13.10 -13.94
CA ALA B 41 18.69 11.94 -14.75
C ALA B 41 17.54 10.95 -14.99
N PHE B 42 16.60 10.91 -14.06
CA PHE B 42 15.46 9.98 -14.11
C PHE B 42 14.16 10.64 -14.51
N PHE B 43 14.00 11.89 -14.11
CA PHE B 43 12.72 12.58 -14.28
C PHE B 43 12.88 14.02 -14.75
N SER B 44 12.68 14.21 -16.04
CA SER B 44 12.77 15.50 -16.68
C SER B 44 12.54 15.19 -18.14
N GLU B 45 12.26 16.23 -18.93
CA GLU B 45 12.08 16.05 -20.35
C GLU B 45 13.34 15.43 -20.97
N HIS B 46 14.50 15.84 -20.47
CA HIS B 46 15.78 15.33 -20.95
C HIS B 46 15.84 13.81 -20.72
N ALA B 47 15.54 13.39 -19.48
CA ALA B 47 15.54 11.99 -19.06
C ALA B 47 14.52 11.18 -19.84
N LEU B 48 13.42 11.82 -20.17
CA LEU B 48 12.31 11.16 -20.84
C LEU B 48 12.62 10.90 -22.31
N ILE B 49 13.11 11.93 -22.99
CA ILE B 49 13.59 11.81 -24.37
C ILE B 49 14.68 10.74 -24.48
N LYS B 50 15.60 10.76 -23.52
CA LYS B 50 16.72 9.85 -23.49
C LYS B 50 16.27 8.41 -23.41
N HIS B 51 15.31 8.13 -22.53
CA HIS B 51 14.84 6.76 -22.33
C HIS B 51 13.97 6.25 -23.45
N ARG B 52 13.25 7.18 -24.09
CA ARG B 52 12.46 6.84 -25.27
C ARG B 52 13.33 6.40 -26.44
N ILE B 53 14.44 7.11 -26.66
CA ILE B 53 15.42 6.72 -27.69
C ILE B 53 15.93 5.30 -27.41
N ILE B 54 16.30 5.05 -26.17
CA ILE B 54 16.73 3.73 -25.72
C ILE B 54 15.68 2.64 -25.98
N VAL B 55 14.41 2.92 -25.64
CA VAL B 55 13.35 1.93 -25.91
C VAL B 55 13.23 1.62 -27.40
N GLU B 56 13.18 2.65 -28.24
CA GLU B 56 13.07 2.47 -29.70
C GLU B 56 14.26 1.70 -30.30
N VAL B 57 15.48 2.05 -29.89
CA VAL B 57 16.68 1.34 -30.34
C VAL B 57 16.64 -0.14 -29.96
N ARG B 58 16.34 -0.43 -28.69
CA ARG B 58 16.26 -1.81 -28.19
C ARG B 58 15.11 -2.63 -28.83
N TRP B 59 13.96 -2.00 -29.08
CA TRP B 59 12.90 -2.66 -29.84
C TRP B 59 13.41 -3.09 -31.23
N LEU B 60 14.09 -2.19 -31.94
CA LEU B 60 14.68 -2.51 -33.24
C LEU B 60 15.80 -3.55 -33.13
N LEU B 61 16.60 -3.48 -32.06
CA LEU B 61 17.61 -4.53 -31.79
C LEU B 61 16.97 -5.88 -31.57
N PHE B 62 15.80 -5.88 -30.93
CA PHE B 62 15.07 -7.10 -30.61
C PHE B 62 14.44 -7.70 -31.86
N LEU B 63 13.87 -6.84 -32.70
CA LEU B 63 13.30 -7.28 -33.98
C LEU B 63 14.35 -7.97 -34.87
N ASN B 64 15.57 -7.41 -34.88
CA ASN B 64 16.74 -7.93 -35.56
C ASN B 64 17.20 -9.29 -35.03
N GLU B 65 17.28 -9.44 -33.71
CA GLU B 65 17.76 -10.68 -33.15
C GLU B 65 16.73 -11.81 -33.21
N GLU B 66 15.45 -11.45 -33.39
CA GLU B 66 14.36 -12.42 -33.60
C GLU B 66 14.09 -12.72 -35.08
N GLU B 67 14.53 -11.82 -35.96
CA GLU B 67 14.36 -11.96 -37.42
C GLU B 67 12.90 -12.16 -37.84
N LEU B 68 12.00 -11.44 -37.17
CA LEU B 68 10.56 -11.52 -37.44
C LEU B 68 10.17 -10.97 -38.82
N PHE B 69 10.83 -9.90 -39.26
CA PHE B 69 10.40 -9.19 -40.47
C PHE B 69 11.52 -8.96 -41.49
N PHE B 70 12.75 -9.17 -41.06
CA PHE B 70 13.94 -9.08 -41.92
C PHE B 70 15.05 -10.02 -41.42
N GLU B 71 16.04 -10.27 -42.26
CA GLU B 71 17.15 -11.11 -41.85
C GLU B 71 18.17 -10.25 -41.13
N LYS B 72 18.84 -10.85 -40.13
CA LYS B 72 19.80 -10.17 -39.26
C LYS B 72 20.83 -9.34 -40.02
N VAL B 73 21.05 -8.11 -39.55
CA VAL B 73 22.09 -7.24 -40.09
C VAL B 73 23.48 -7.70 -39.61
N THR B 74 24.54 -7.11 -40.16
CA THR B 74 25.90 -7.50 -39.78
C THR B 74 26.19 -7.14 -38.32
N ASP B 75 27.12 -7.86 -37.69
CA ASP B 75 27.56 -7.57 -36.32
C ASP B 75 27.95 -6.11 -36.10
N HIS B 76 28.49 -5.45 -37.13
CA HIS B 76 28.88 -4.05 -36.97
C HIS B 76 27.70 -3.10 -37.11
N SER B 77 26.69 -3.50 -37.89
CA SER B 77 25.47 -2.71 -38.06
C SER B 77 24.63 -2.67 -36.78
N VAL B 78 24.57 -3.79 -36.07
CA VAL B 78 23.94 -3.83 -34.75
C VAL B 78 24.69 -2.94 -33.76
N GLU B 79 26.02 -2.99 -33.81
CA GLU B 79 26.89 -2.12 -33.00
C GLU B 79 26.61 -0.63 -33.24
N VAL B 80 26.47 -0.23 -34.50
CA VAL B 80 26.11 1.13 -34.87
C VAL B 80 24.70 1.50 -34.37
N LEU B 81 23.75 0.56 -34.50
CA LEU B 81 22.39 0.73 -33.97
C LEU B 81 22.37 0.93 -32.45
N ASN B 82 23.00 0.02 -31.72
CA ASN B 82 23.08 0.10 -30.25
C ASN B 82 23.74 1.37 -29.73
N GLN B 83 24.70 1.90 -30.50
CA GLN B 83 25.40 3.15 -30.17
C GLN B 83 24.50 4.38 -30.14
N ILE B 84 23.40 4.38 -30.90
CA ILE B 84 22.41 5.46 -30.81
C ILE B 84 21.82 5.53 -29.40
N ALA B 85 21.71 4.37 -28.74
CA ALA B 85 21.16 4.27 -27.38
C ALA B 85 22.19 4.54 -26.28
N THR B 86 23.46 4.23 -26.55
CA THR B 86 24.50 4.25 -25.50
C THR B 86 25.18 5.60 -25.35
N ASN B 87 25.38 6.31 -26.46
CA ASN B 87 25.97 7.65 -26.41
C ASN B 87 24.89 8.70 -26.62
N ILE B 88 24.11 8.97 -25.58
CA ILE B 88 23.09 10.02 -25.69
C ILE B 88 23.56 11.31 -25.04
N THR B 89 23.73 12.33 -25.87
CA THR B 89 24.31 13.61 -25.47
C THR B 89 23.23 14.69 -25.40
N ASP B 90 23.57 15.84 -24.84
CA ASP B 90 22.69 17.01 -24.82
C ASP B 90 22.28 17.49 -26.22
N SER B 91 23.15 17.30 -27.21
CA SER B 91 22.87 17.70 -28.60
C SER B 91 21.90 16.74 -29.27
N ASP B 92 21.97 15.46 -28.90
CA ASP B 92 20.98 14.47 -29.32
C ASP B 92 19.60 14.84 -28.78
N ILE B 93 19.52 15.19 -27.50
CA ILE B 93 18.28 15.64 -26.89
C ILE B 93 17.79 16.93 -27.54
N ALA B 94 18.71 17.88 -27.78
CA ALA B 94 18.41 19.13 -28.49
C ALA B 94 17.78 18.89 -29.86
N ARG B 95 18.31 17.89 -30.58
CA ARG B 95 17.82 17.51 -31.90
C ARG B 95 16.38 16.98 -31.85
N VAL B 96 16.08 16.15 -30.85
CA VAL B 96 14.71 15.64 -30.66
C VAL B 96 13.70 16.77 -30.40
N LYS B 97 14.01 17.65 -29.44
CA LYS B 97 13.13 18.77 -29.10
C LYS B 97 12.91 19.71 -30.31
N ALA B 98 13.92 19.81 -31.16
CA ALA B 98 13.82 20.56 -32.42
C ALA B 98 12.79 19.95 -33.40
N ILE B 99 12.69 18.62 -33.39
CA ILE B 99 11.74 17.88 -34.23
C ILE B 99 10.32 17.90 -33.63
N GLU B 100 10.22 18.13 -32.34
CA GLU B 100 8.95 18.08 -31.62
C GLU B 100 7.99 19.22 -32.03
N ASN B 104 3.36 10.62 -29.47
CA ASN B 104 2.52 10.99 -30.59
C ASN B 104 3.15 12.11 -31.42
N HIS B 105 3.09 13.35 -30.90
CA HIS B 105 3.95 14.42 -31.35
C HIS B 105 5.25 14.33 -30.57
N ASP B 106 5.17 13.73 -29.37
CA ASP B 106 6.31 13.57 -28.48
C ASP B 106 7.20 12.41 -28.93
N VAL B 107 6.65 11.19 -28.99
CA VAL B 107 7.46 10.02 -29.40
C VAL B 107 7.72 9.93 -30.91
N LYS B 108 6.90 10.59 -31.73
CA LYS B 108 7.18 10.57 -33.17
C LYS B 108 8.46 11.33 -33.53
N ALA B 109 8.79 12.36 -32.74
CA ALA B 109 10.07 13.04 -32.86
C ALA B 109 11.24 12.11 -32.57
N VAL B 110 11.11 11.32 -31.50
CA VAL B 110 12.10 10.28 -31.15
C VAL B 110 12.23 9.27 -32.29
N GLU B 111 11.10 8.76 -32.77
CA GLU B 111 11.08 7.88 -33.95
C GLU B 111 11.83 8.47 -35.14
N TYR B 112 11.58 9.75 -35.45
CA TYR B 112 12.32 10.44 -36.53
C TYR B 112 13.80 10.59 -36.21
N PHE B 113 14.12 10.83 -34.94
CA PHE B 113 15.52 10.97 -34.54
C PHE B 113 16.33 9.69 -34.83
N VAL B 114 15.77 8.53 -34.49
CA VAL B 114 16.48 7.25 -34.64
C VAL B 114 16.63 6.91 -36.14
N LYS B 115 15.55 7.12 -36.89
CA LYS B 115 15.55 6.93 -38.35
C LYS B 115 16.63 7.74 -39.05
N GLU B 116 16.73 9.02 -38.68
CA GLU B 116 17.71 9.94 -39.24
C GLU B 116 19.13 9.50 -38.94
N LYS B 117 19.36 8.97 -37.74
CA LYS B 117 20.69 8.52 -37.33
C LYS B 117 21.07 7.24 -38.05
N LEU B 118 20.07 6.42 -38.37
CA LEU B 118 20.28 5.22 -39.17
C LEU B 118 20.48 5.57 -40.65
N LYS B 119 19.82 6.63 -41.12
CA LYS B 119 20.00 7.12 -42.50
C LYS B 119 21.37 7.74 -42.69
N ASN B 120 21.80 8.52 -41.69
CA ASN B 120 23.09 9.18 -41.75
C ASN B 120 24.27 8.23 -41.56
N SER B 121 23.99 6.94 -41.38
CA SER B 121 25.05 5.94 -41.21
C SER B 121 25.61 5.48 -42.56
N LYS B 122 24.81 5.67 -43.61
CA LYS B 122 25.12 5.27 -44.99
C LYS B 122 25.33 3.76 -45.19
N ARG B 123 24.96 2.98 -44.16
CA ARG B 123 25.01 1.51 -44.26
C ARG B 123 23.71 1.01 -44.88
N GLU B 124 23.84 0.30 -46.01
CA GLU B 124 22.69 -0.26 -46.73
C GLU B 124 21.84 -1.15 -45.81
N ASP B 125 22.52 -1.83 -44.90
CA ASP B 125 21.91 -2.67 -43.86
C ASP B 125 20.83 -1.94 -43.06
N LEU B 126 21.22 -0.79 -42.52
CA LEU B 126 20.37 -0.01 -41.63
C LEU B 126 19.38 0.90 -42.39
N LEU B 127 19.72 1.27 -43.61
CA LEU B 127 18.81 1.97 -44.51
C LEU B 127 17.57 1.16 -44.83
N LYS B 128 17.73 -0.16 -44.87
CA LYS B 128 16.60 -1.05 -45.12
C LYS B 128 15.74 -1.18 -43.86
N ILE B 129 16.39 -1.39 -42.71
CA ILE B 129 15.66 -1.69 -41.46
C ILE B 129 15.13 -0.45 -40.71
N LYS B 130 15.54 0.74 -41.11
CA LYS B 130 15.08 1.94 -40.43
C LYS B 130 13.57 2.18 -40.49
N GLU B 131 12.89 1.54 -41.45
CA GLU B 131 11.45 1.68 -41.60
C GLU B 131 10.72 0.85 -40.56
N TYR B 132 11.47 -0.02 -39.88
CA TYR B 132 10.94 -0.85 -38.81
C TYR B 132 11.03 -0.21 -37.43
N VAL B 133 11.62 0.97 -37.37
CA VAL B 133 11.62 1.77 -36.16
C VAL B 133 10.16 2.03 -35.74
N HIS B 134 9.81 1.65 -34.49
CA HIS B 134 8.47 1.85 -33.93
C HIS B 134 7.44 0.92 -34.59
N TYR B 135 7.89 -0.18 -35.17
CA TYR B 135 6.98 -1.04 -35.90
C TYR B 135 6.08 -1.74 -34.90
N LEU B 136 4.77 -1.64 -35.13
CA LEU B 136 3.72 -2.29 -34.32
C LEU B 136 3.37 -1.57 -33.00
N CYS B 137 4.25 -0.66 -32.57
CA CYS B 137 4.12 0.07 -31.30
C CYS B 137 3.08 1.18 -31.28
N THR B 138 2.45 1.34 -30.12
CA THR B 138 1.70 2.54 -29.78
C THR B 138 2.66 3.45 -28.99
N SER B 139 2.38 4.74 -28.86
CA SER B 139 3.33 5.60 -28.12
C SER B 139 3.41 5.25 -26.63
N GLU B 140 2.32 4.72 -26.08
CA GLU B 140 2.33 4.24 -24.68
C GLU B 140 3.15 2.97 -24.45
N ASP B 141 3.46 2.22 -25.52
CA ASP B 141 4.40 1.10 -25.42
C ASP B 141 5.77 1.64 -25.07
N ILE B 142 6.19 2.65 -25.81
CA ILE B 142 7.47 3.32 -25.59
C ILE B 142 7.51 4.00 -24.20
N ASN B 143 6.49 4.78 -23.87
CA ASN B 143 6.50 5.60 -22.65
C ASN B 143 6.43 4.82 -21.37
N ASN B 144 5.62 3.76 -21.36
CA ASN B 144 5.43 2.99 -20.14
C ASN B 144 6.70 2.22 -19.76
N VAL B 145 7.43 1.74 -20.77
CA VAL B 145 8.72 1.11 -20.55
C VAL B 145 9.76 2.17 -20.09
N ALA B 146 9.79 3.31 -20.76
CA ALA B 146 10.65 4.43 -20.33
C ALA B 146 10.38 4.87 -18.89
N TYR B 147 9.11 5.04 -18.55
CA TYR B 147 8.71 5.37 -17.17
C TYR B 147 9.12 4.30 -16.16
N ALA B 148 8.82 3.05 -16.47
CA ALA B 148 9.21 1.90 -15.65
C ALA B 148 10.72 1.85 -15.40
N THR B 149 11.53 1.99 -16.45
CA THR B 149 13.00 1.96 -16.27
C THR B 149 13.52 3.14 -15.43
N CYS B 150 12.94 4.33 -15.64
CA CYS B 150 13.31 5.50 -14.86
C CYS B 150 12.90 5.39 -13.39
N LEU B 151 11.69 4.91 -13.14
CA LEU B 151 11.20 4.78 -11.78
C LEU B 151 12.03 3.75 -11.02
N LYS B 152 12.15 2.55 -11.59
CA LYS B 152 12.96 1.46 -11.04
C LYS B 152 14.40 1.91 -10.70
N ALA B 153 15.11 2.48 -11.66
CA ALA B 153 16.47 2.96 -11.42
C ALA B 153 16.52 4.08 -10.37
N CYS B 154 15.59 5.01 -10.41
CA CYS B 154 15.54 6.05 -9.39
C CYS B 154 15.36 5.53 -7.96
N LEU B 155 14.40 4.64 -7.76
CA LEU B 155 14.15 4.09 -6.45
C LEU B 155 15.35 3.28 -5.96
N ASN B 156 15.84 2.38 -6.81
CA ASN B 156 16.93 1.50 -6.45
C ASN B 156 18.28 2.23 -6.27
N ASP B 157 18.50 3.29 -7.05
CA ASP B 157 19.77 4.00 -6.99
C ASP B 157 19.82 5.26 -6.12
N VAL B 158 18.70 5.97 -5.99
CA VAL B 158 18.69 7.23 -5.24
C VAL B 158 17.78 7.21 -4.00
N VAL B 159 16.50 6.87 -4.19
CA VAL B 159 15.49 7.09 -3.15
C VAL B 159 15.59 6.08 -2.03
N ILE B 160 15.57 4.80 -2.35
CA ILE B 160 15.68 3.77 -1.34
C ILE B 160 16.99 3.89 -0.55
N PRO B 161 18.16 4.02 -1.22
CA PRO B 161 19.43 4.22 -0.48
C PRO B 161 19.44 5.41 0.47
N CYS B 162 18.70 6.47 0.14
CA CYS B 162 18.54 7.61 1.03
C CYS B 162 17.72 7.21 2.28
N LEU B 163 16.62 6.51 2.07
CA LEU B 163 15.87 5.92 3.18
C LEU B 163 16.74 4.99 4.04
N GLU B 164 17.54 4.15 3.38
CA GLU B 164 18.44 3.21 4.05
C GLU B 164 19.56 3.90 4.81
N LYS B 165 19.97 5.08 4.36
CA LYS B 165 20.86 5.92 5.14
C LYS B 165 20.17 6.35 6.44
N ILE B 166 18.89 6.73 6.37
CA ILE B 166 18.17 7.09 7.61
C ILE B 166 18.07 5.89 8.58
N MSE B 167 17.71 4.72 8.06
CA MSE B 167 17.73 3.47 8.84
C MSE B 167 19.03 3.26 9.60
O MSE B 167 19.00 2.90 10.75
CB MSE B 167 17.56 2.28 7.91
CG MSE B 167 16.17 1.78 7.77
SE MSE B 167 16.23 0.22 6.60
CE MSE B 167 17.66 -0.76 7.44
N LEU B 168 20.15 3.43 8.90
CA LEU B 168 21.49 3.19 9.44
C LEU B 168 21.77 4.12 10.62
N LYS B 169 21.41 5.40 10.46
CA LYS B 169 21.59 6.36 11.52
C LYS B 169 20.71 6.03 12.74
N LEU B 170 19.47 5.62 12.51
CA LEU B 170 18.58 5.21 13.59
C LEU B 170 19.13 4.01 14.36
N LYS B 171 19.65 3.03 13.62
CA LYS B 171 20.32 1.88 14.20
C LYS B 171 21.54 2.32 15.05
N ASP B 172 22.37 3.20 14.51
CA ASP B 172 23.54 3.72 15.24
C ASP B 172 23.12 4.46 16.50
N LEU B 173 22.01 5.18 16.42
CA LEU B 173 21.48 5.93 17.56
C LEU B 173 20.91 4.96 18.58
N ALA B 174 20.15 3.98 18.11
CA ALA B 174 19.61 2.91 18.96
C ALA B 174 20.68 2.18 19.79
N VAL B 175 21.81 1.84 19.18
CA VAL B 175 22.90 1.14 19.87
C VAL B 175 23.66 2.10 20.82
N GLU B 176 24.17 3.22 20.29
CA GLU B 176 24.88 4.23 21.07
C GLU B 176 24.18 4.71 22.37
N TYR B 177 22.86 4.81 22.30
CA TYR B 177 22.07 5.35 23.39
C TYR B 177 21.13 4.34 23.99
N SER B 178 21.38 3.06 23.71
CA SER B 178 20.52 1.96 24.19
C SER B 178 20.25 1.97 25.69
N HIS B 179 21.24 2.41 26.47
CA HIS B 179 21.19 2.36 27.94
C HIS B 179 20.65 3.64 28.56
N VAL B 180 20.64 4.75 27.82
CA VAL B 180 20.36 6.09 28.39
C VAL B 180 18.90 6.33 28.79
N PRO B 181 18.61 6.34 30.11
CA PRO B 181 17.21 6.37 30.52
C PRO B 181 16.46 7.64 30.14
N LEU B 182 15.17 7.50 29.84
CA LEU B 182 14.35 8.59 29.39
C LEU B 182 12.96 8.35 29.90
N LEU B 183 12.38 9.39 30.50
CA LEU B 183 11.03 9.32 30.97
C LEU B 183 10.08 9.27 29.77
N SER B 184 9.27 8.22 29.73
CA SER B 184 8.21 8.10 28.73
C SER B 184 7.11 9.08 29.02
N ARG B 185 6.35 9.39 27.99
CA ARG B 185 5.12 10.14 28.19
C ARG B 185 4.00 9.51 27.38
N THR B 186 2.89 9.26 28.06
CA THR B 186 1.70 8.76 27.44
C THR B 186 0.61 9.80 27.71
N HIS B 187 -0.12 10.17 26.67
CA HIS B 187 -1.02 11.36 26.69
C HIS B 187 -0.27 12.62 27.11
N GLY B 188 1.04 12.57 26.93
CA GLY B 188 1.94 13.69 27.24
C GLY B 188 2.42 13.72 28.68
N GLN B 189 1.89 12.79 29.49
CA GLN B 189 2.11 12.75 30.93
C GLN B 189 3.16 11.70 31.30
N PRO B 190 3.88 11.89 32.42
CA PRO B 190 4.93 10.92 32.78
C PRO B 190 4.47 9.49 32.90
N ALA B 191 5.30 8.57 32.42
CA ALA B 191 5.01 7.14 32.44
C ALA B 191 6.29 6.33 32.65
N SER B 192 6.15 5.04 32.88
CA SER B 192 7.31 4.14 33.04
C SER B 192 8.45 4.47 32.10
N SER B 193 9.66 4.41 32.61
CA SER B 193 10.84 4.91 31.90
C SER B 193 11.19 4.04 30.68
N THR B 194 11.79 4.68 29.66
CA THR B 194 12.34 3.95 28.52
C THR B 194 13.82 4.32 28.39
N THR B 195 14.42 4.09 27.24
CA THR B 195 15.72 4.71 26.91
C THR B 195 15.66 5.43 25.55
N PHE B 196 16.49 6.46 25.36
CA PHE B 196 16.56 7.14 24.07
C PHE B 196 16.84 6.16 22.95
N GLY B 197 17.79 5.24 23.17
CA GLY B 197 18.11 4.22 22.18
C GLY B 197 16.93 3.35 21.81
N LYS B 198 16.12 2.98 22.78
CA LYS B 198 14.90 2.21 22.49
C LYS B 198 13.89 2.98 21.61
N GLU B 199 13.64 4.24 21.95
CA GLU B 199 12.73 5.06 21.15
C GLU B 199 13.18 5.21 19.70
N MSE B 200 14.48 5.29 19.46
CA MSE B 200 15.02 5.36 18.10
C MSE B 200 14.95 4.01 17.38
O MSE B 200 14.76 3.95 16.15
CB MSE B 200 16.47 5.85 18.11
CG MSE B 200 16.62 7.28 18.53
SE MSE B 200 15.61 8.53 17.39
CE MSE B 200 14.07 8.89 18.54
N ALA B 201 15.14 2.93 18.13
CA ALA B 201 14.96 1.55 17.63
C ALA B 201 13.54 1.23 17.12
N ASN B 202 12.52 1.78 17.77
CA ASN B 202 11.14 1.58 17.30
C ASN B 202 11.01 2.12 15.86
N PHE B 203 11.63 3.27 15.60
CA PHE B 203 11.63 3.90 14.30
C PHE B 203 12.46 3.13 13.28
N TYR B 204 13.68 2.74 13.63
CA TYR B 204 14.40 1.79 12.81
C TYR B 204 13.50 0.62 12.36
N ALA B 205 12.87 -0.05 13.32
CA ALA B 205 12.05 -1.24 13.01
C ALA B 205 10.96 -0.95 12.02
N ARG B 206 10.31 0.20 12.17
CA ARG B 206 9.21 0.57 11.28
C ARG B 206 9.73 0.85 9.88
N ILE B 207 10.83 1.58 9.78
CA ILE B 207 11.40 1.92 8.50
C ILE B 207 11.97 0.70 7.81
N HIS B 208 12.65 -0.17 8.55
CA HIS B 208 13.13 -1.43 8.00
C HIS B 208 11.96 -2.14 7.31
N HIS B 209 10.81 -2.14 7.98
CA HIS B 209 9.65 -2.84 7.44
C HIS B 209 9.15 -2.20 6.15
N HIS B 210 9.01 -0.87 6.13
CA HIS B 210 8.56 -0.14 4.96
C HIS B 210 9.46 -0.31 3.77
N VAL B 211 10.77 -0.25 4.01
CA VAL B 211 11.73 -0.47 2.94
C VAL B 211 11.60 -1.86 2.31
N GLY B 212 11.47 -2.89 3.14
CA GLY B 212 11.29 -4.26 2.61
C GLY B 212 10.05 -4.43 1.75
N VAL B 213 8.91 -3.93 2.22
CA VAL B 213 7.68 -3.90 1.44
C VAL B 213 7.83 -3.19 0.09
N ILE B 214 8.52 -2.05 0.08
CA ILE B 214 8.74 -1.28 -1.13
C ILE B 214 9.65 -2.00 -2.15
N ARG B 215 10.72 -2.64 -1.65
CA ARG B 215 11.63 -3.41 -2.51
C ARG B 215 10.98 -4.67 -3.09
N ARG B 216 9.93 -5.18 -2.46
CA ARG B 216 9.22 -6.34 -3.00
C ARG B 216 8.20 -6.01 -4.10
N VAL B 217 7.85 -4.73 -4.28
CA VAL B 217 6.93 -4.34 -5.36
C VAL B 217 7.68 -4.54 -6.69
N LYS B 218 7.06 -5.28 -7.61
CA LYS B 218 7.63 -5.49 -8.93
C LYS B 218 7.26 -4.36 -9.89
N VAL B 219 8.26 -3.72 -10.45
CA VAL B 219 8.07 -2.70 -11.48
C VAL B 219 7.70 -3.43 -12.80
N CYS B 220 6.51 -3.10 -13.33
CA CYS B 220 5.92 -3.77 -14.51
C CYS B 220 5.90 -2.91 -15.76
N ALA B 221 5.85 -3.57 -16.90
CA ALA B 221 5.65 -2.88 -18.16
C ALA B 221 4.88 -3.76 -19.15
N LYS B 222 4.35 -3.13 -20.18
CA LYS B 222 3.68 -3.87 -21.25
C LYS B 222 4.22 -3.34 -22.58
N PHE B 223 3.81 -3.99 -23.67
CA PHE B 223 4.26 -3.60 -25.01
C PHE B 223 3.32 -4.28 -26.00
N ASN B 224 2.02 -3.95 -25.92
CA ASN B 224 0.94 -4.73 -26.55
C ASN B 224 0.16 -4.02 -27.69
N GLY B 225 0.67 -2.90 -28.18
CA GLY B 225 0.04 -2.18 -29.28
C GLY B 225 -1.18 -1.36 -28.89
N ALA B 226 -1.79 -0.73 -29.90
CA ALA B 226 -2.87 0.27 -29.77
C ALA B 226 -3.82 0.13 -28.58
N VAL B 227 -4.26 -1.09 -28.31
CA VAL B 227 -5.41 -1.32 -27.45
C VAL B 227 -5.20 -2.46 -26.44
N GLY B 228 -3.97 -3.00 -26.43
CA GLY B 228 -3.55 -4.02 -25.48
C GLY B 228 -3.60 -5.46 -25.97
N ASN B 229 -4.02 -5.65 -27.22
CA ASN B 229 -4.43 -6.97 -27.71
C ASN B 229 -3.62 -7.50 -28.89
N PHE B 230 -2.52 -6.84 -29.24
CA PHE B 230 -1.67 -7.29 -30.36
C PHE B 230 -2.42 -7.40 -31.69
N ASN B 231 -3.40 -6.52 -31.91
CA ASN B 231 -4.15 -6.47 -33.18
C ASN B 231 -3.22 -6.39 -34.37
N ALA B 232 -2.31 -5.41 -34.34
CA ALA B 232 -1.36 -5.16 -35.41
C ALA B 232 -0.38 -6.32 -35.57
N HIS B 233 0.14 -6.77 -34.42
CA HIS B 233 1.10 -7.86 -34.31
C HIS B 233 0.61 -9.14 -34.96
N LYS B 234 -0.65 -9.47 -34.73
CA LYS B 234 -1.26 -10.68 -35.24
C LYS B 234 -1.37 -10.67 -36.79
N VAL B 235 -1.71 -9.51 -37.37
CA VAL B 235 -1.81 -9.37 -38.82
C VAL B 235 -0.40 -9.35 -39.47
N ALA B 236 0.56 -8.71 -38.78
CA ALA B 236 1.95 -8.66 -39.23
C ALA B 236 2.64 -10.04 -39.23
N SER B 237 2.45 -10.83 -38.17
CA SER B 237 3.08 -12.14 -38.06
C SER B 237 2.15 -13.11 -37.34
N LYS B 238 1.35 -13.81 -38.13
CA LYS B 238 0.25 -14.60 -37.58
C LYS B 238 0.64 -15.81 -36.73
N ASP B 239 1.84 -16.34 -36.92
CA ASP B 239 2.24 -17.53 -36.16
C ASP B 239 3.20 -17.24 -34.99
N THR B 240 3.52 -15.96 -34.78
CA THR B 240 4.29 -15.54 -33.61
C THR B 240 3.39 -15.57 -32.37
N ASP B 241 3.89 -16.13 -31.27
CA ASP B 241 3.25 -15.98 -29.96
C ASP B 241 3.79 -14.69 -29.35
N TRP B 242 2.97 -13.64 -29.44
CA TRP B 242 3.37 -12.31 -28.99
C TRP B 242 3.48 -12.15 -27.48
N VAL B 243 2.70 -12.90 -26.72
CA VAL B 243 2.83 -12.89 -25.26
C VAL B 243 4.24 -13.30 -24.82
N ASN B 244 4.67 -14.50 -25.25
CA ASN B 244 6.03 -14.99 -25.00
C ASN B 244 7.07 -14.03 -25.55
N THR B 245 6.86 -13.56 -26.78
CA THR B 245 7.79 -12.66 -27.45
C THR B 245 8.04 -11.36 -26.68
N ILE B 246 6.95 -10.74 -26.22
CA ILE B 246 7.08 -9.50 -25.46
C ILE B 246 7.65 -9.76 -24.08
N GLY B 247 7.27 -10.89 -23.47
CA GLY B 247 7.88 -11.32 -22.21
C GLY B 247 9.39 -11.35 -22.34
N LEU B 248 9.87 -11.95 -23.44
CA LEU B 248 11.29 -12.06 -23.72
C LEU B 248 11.89 -10.67 -23.93
N PHE B 249 11.29 -9.88 -24.81
CA PHE B 249 11.73 -8.49 -25.04
C PHE B 249 11.94 -7.73 -23.73
N LEU B 250 10.91 -7.70 -22.90
CA LEU B 250 10.97 -6.91 -21.68
C LEU B 250 11.98 -7.42 -20.64
N LYS B 251 12.14 -8.76 -20.54
CA LYS B 251 13.11 -9.34 -19.63
C LYS B 251 14.53 -9.14 -20.13
N LYS B 252 14.77 -9.54 -21.38
CA LYS B 252 16.09 -9.49 -21.99
C LYS B 252 16.67 -8.06 -22.08
N HIS B 253 15.86 -7.11 -22.53
CA HIS B 253 16.38 -5.77 -22.80
C HIS B 253 16.24 -4.76 -21.66
N PHE B 254 15.40 -5.05 -20.67
CA PHE B 254 15.16 -4.08 -19.59
C PHE B 254 15.11 -4.69 -18.21
N ASN B 255 15.15 -6.02 -18.13
CA ASN B 255 14.96 -6.75 -16.86
C ASN B 255 13.65 -6.36 -16.13
N LEU B 256 12.56 -6.17 -16.88
CA LEU B 256 11.25 -5.83 -16.32
C LEU B 256 10.26 -6.98 -16.31
N THR B 257 9.39 -6.98 -15.30
CA THR B 257 8.23 -7.87 -15.26
C THR B 257 7.25 -7.41 -16.32
N TYR B 258 6.59 -8.39 -16.95
CA TYR B 258 5.60 -8.16 -17.98
C TYR B 258 4.18 -8.30 -17.40
N SER B 259 3.44 -7.18 -17.37
CA SER B 259 2.01 -7.25 -17.10
C SER B 259 1.28 -7.40 -18.43
N ILE B 260 0.81 -8.61 -18.67
CA ILE B 260 0.21 -9.03 -19.93
C ILE B 260 -1.09 -8.28 -20.21
N TYR B 261 -1.90 -8.07 -19.17
CA TYR B 261 -3.23 -7.47 -19.31
C TYR B 261 -3.19 -5.95 -19.22
N CYS B 262 -3.57 -5.29 -20.31
CA CYS B 262 -3.64 -3.83 -20.39
C CYS B 262 -4.65 -3.38 -21.48
N THR B 263 -4.89 -2.07 -21.53
CA THR B 263 -5.65 -1.42 -22.59
C THR B 263 -4.63 -0.73 -23.48
N GLN B 264 -4.90 0.50 -23.92
CA GLN B 264 -3.85 1.31 -24.53
C GLN B 264 -2.76 1.66 -23.51
N ILE B 265 -3.11 1.63 -22.23
CA ILE B 265 -2.18 2.00 -21.17
C ILE B 265 -1.91 0.81 -20.27
N GLN B 266 -0.73 0.83 -19.65
CA GLN B 266 -0.41 0.01 -18.50
C GLN B 266 -1.27 0.53 -17.35
N ASP B 267 -1.79 -0.37 -16.52
CA ASP B 267 -2.80 0.00 -15.48
C ASP B 267 -2.31 0.93 -14.34
N HIS B 268 -0.99 0.99 -14.15
CA HIS B 268 -0.33 1.85 -13.17
C HIS B 268 -0.45 1.35 -11.74
N ASP B 269 -1.00 0.15 -11.56
CA ASP B 269 -1.23 -0.38 -10.23
C ASP B 269 0.08 -0.49 -9.39
N TYR B 270 1.22 -0.75 -10.04
CA TYR B 270 2.48 -0.90 -9.33
C TYR B 270 2.98 0.47 -8.82
N ILE B 271 2.75 1.52 -9.61
CA ILE B 271 3.06 2.88 -9.17
C ILE B 271 2.34 3.22 -7.89
N CYS B 272 1.05 2.91 -7.84
CA CYS B 272 0.21 3.10 -6.67
C CYS B 272 0.73 2.33 -5.44
N GLU B 273 1.17 1.09 -5.63
CA GLU B 273 1.74 0.28 -4.56
C GLU B 273 2.99 0.92 -3.99
N LEU B 274 3.88 1.34 -4.90
CA LEU B 274 5.15 1.98 -4.56
C LEU B 274 4.89 3.25 -3.79
N CYS B 275 4.04 4.12 -4.33
CA CYS B 275 3.72 5.38 -3.69
C CYS B 275 3.04 5.22 -2.34
N ASP B 276 2.15 4.22 -2.21
CA ASP B 276 1.54 3.88 -0.91
C ASP B 276 2.63 3.47 0.11
N GLY B 277 3.55 2.63 -0.37
CA GLY B 277 4.70 2.19 0.39
C GLY B 277 5.59 3.34 0.84
N LEU B 278 5.96 4.22 -0.09
CA LEU B 278 6.70 5.43 0.26
C LEU B 278 5.94 6.36 1.18
N ALA B 279 4.62 6.46 1.02
CA ALA B 279 3.76 7.28 1.88
C ALA B 279 3.70 6.81 3.34
N ARG B 280 3.68 5.48 3.54
CA ARG B 280 3.73 4.91 4.87
C ARG B 280 5.10 5.14 5.55
N ALA B 281 6.18 5.01 4.77
CA ALA B 281 7.53 5.35 5.24
C ALA B 281 7.58 6.79 5.70
N ASN B 282 7.05 7.68 4.85
CA ASN B 282 6.94 9.13 5.15
C ASN B 282 6.14 9.46 6.39
N GLY B 283 5.05 8.73 6.63
CA GLY B 283 4.27 8.93 7.83
C GLY B 283 5.04 8.54 9.09
N THR B 284 5.85 7.49 9.00
CA THR B 284 6.73 7.10 10.10
C THR B 284 7.76 8.18 10.40
N LEU B 285 8.31 8.77 9.35
CA LEU B 285 9.27 9.86 9.46
C LEU B 285 8.68 11.14 9.99
N ILE B 286 7.42 11.44 9.63
CA ILE B 286 6.68 12.55 10.25
C ILE B 286 6.57 12.35 11.78
N ASP B 287 6.25 11.13 12.21
CA ASP B 287 6.14 10.75 13.62
C ASP B 287 7.50 10.99 14.32
N LEU B 288 8.57 10.55 13.68
CA LEU B 288 9.94 10.77 14.15
C LEU B 288 10.28 12.25 14.25
N CYS B 289 10.01 12.98 13.17
CA CYS B 289 10.22 14.44 13.14
C CYS B 289 9.53 15.13 14.30
N VAL B 290 8.26 14.80 14.56
CA VAL B 290 7.50 15.42 15.67
C VAL B 290 8.04 15.05 17.04
N ASP B 291 8.41 13.78 17.23
CA ASP B 291 8.91 13.31 18.51
C ASP B 291 10.24 14.01 18.89
N ILE B 292 11.16 14.05 17.93
CA ILE B 292 12.43 14.79 18.10
C ILE B 292 12.22 16.29 18.39
N TRP B 293 11.37 16.97 17.61
CA TRP B 293 10.93 18.34 17.93
C TRP B 293 10.52 18.42 19.40
N LEU B 294 9.74 17.43 19.86
CA LEU B 294 9.23 17.40 21.26
C LEU B 294 10.33 17.12 22.31
N TYR B 295 11.17 16.11 22.09
CA TYR B 295 12.35 15.88 22.93
C TYR B 295 13.26 17.12 23.02
N ILE B 296 13.52 17.77 21.89
CA ILE B 296 14.28 19.03 21.89
C ILE B 296 13.57 20.16 22.65
N SER B 297 12.25 20.21 22.51
CA SER B 297 11.43 21.19 23.20
C SER B 297 11.48 20.96 24.70
N ASN B 298 11.65 19.70 25.10
CA ASN B 298 11.64 19.30 26.49
C ASN B 298 13.05 19.36 27.07
N ASN B 299 14.01 19.77 26.24
CA ASN B 299 15.41 19.95 26.65
C ASN B 299 16.15 18.67 26.92
N LEU B 300 15.74 17.57 26.30
CA LEU B 300 16.33 16.25 26.57
C LEU B 300 17.34 15.89 25.49
N LEU B 301 17.25 16.59 24.36
CA LEU B 301 18.23 16.47 23.29
C LEU B 301 18.75 17.87 23.01
N LYS B 302 19.96 17.94 22.50
CA LYS B 302 20.54 19.18 22.04
C LYS B 302 21.01 18.98 20.59
N LEU B 303 21.06 20.07 19.84
CA LEU B 303 21.59 20.05 18.48
C LEU B 303 22.98 20.65 18.38
N LYS B 304 23.93 19.86 17.86
CA LYS B 304 25.28 20.34 17.61
C LYS B 304 25.37 20.99 16.23
N SER B 313 17.81 35.48 15.40
CA SER B 313 18.06 36.90 15.07
C SER B 313 18.26 37.80 16.30
N THR B 314 17.80 37.33 17.47
CA THR B 314 17.87 38.14 18.69
C THR B 314 18.46 37.39 19.86
N MSE B 315 18.16 36.10 19.94
CA MSE B 315 18.60 35.28 21.06
C MSE B 315 19.80 34.45 20.62
O MSE B 315 19.64 33.52 19.85
CB MSE B 315 17.45 34.43 21.56
CG MSE B 315 16.34 35.29 22.14
SE MSE B 315 14.69 34.37 22.63
CE MSE B 315 15.44 32.95 23.77
N PRO B 316 21.00 34.82 21.09
CA PRO B 316 22.27 34.22 20.62
C PRO B 316 22.43 32.73 20.86
N HIS B 317 21.79 32.19 21.90
CA HIS B 317 21.91 30.74 22.17
C HIS B 317 20.61 29.95 21.88
N LYS B 318 19.66 30.56 21.19
CA LYS B 318 18.45 29.87 20.70
C LYS B 318 18.85 28.95 19.52
N VAL B 319 18.58 27.65 19.66
CA VAL B 319 18.84 26.70 18.56
C VAL B 319 17.58 25.88 18.24
N ASN B 320 17.10 26.06 17.02
CA ASN B 320 15.83 25.49 16.58
C ASN B 320 16.01 24.22 15.77
N PRO B 321 15.10 23.22 15.93
CA PRO B 321 15.14 21.98 15.14
C PRO B 321 14.63 22.15 13.69
N ILE B 322 15.22 23.08 12.94
CA ILE B 322 14.68 23.42 11.62
C ILE B 322 14.73 22.27 10.60
N ASP B 323 15.75 21.42 10.65
CA ASP B 323 15.85 20.27 9.77
C ASP B 323 14.66 19.32 9.86
N PHE B 324 14.22 19.04 11.09
CA PHE B 324 13.05 18.17 11.31
C PHE B 324 11.76 18.86 10.91
N GLU B 325 11.71 20.18 11.10
CA GLU B 325 10.55 20.98 10.72
C GLU B 325 10.38 21.07 9.20
N ASN B 326 11.48 21.36 8.51
CA ASN B 326 11.51 21.38 7.05
C ASN B 326 11.13 20.05 6.44
N ALA B 327 11.67 18.97 7.01
CA ALA B 327 11.32 17.61 6.58
C ALA B 327 9.84 17.33 6.81
N GLU B 328 9.31 17.70 7.97
CA GLU B 328 7.90 17.46 8.30
C GLU B 328 7.01 17.98 7.17
N GLY B 329 7.21 19.25 6.82
CA GLY B 329 6.50 19.93 5.73
C GLY B 329 6.66 19.28 4.37
N ASN B 330 7.89 18.96 3.97
CA ASN B 330 8.11 18.28 2.70
C ASN B 330 7.61 16.82 2.63
N LEU B 331 7.49 16.14 3.77
CA LEU B 331 6.92 14.80 3.79
C LEU B 331 5.41 14.89 3.56
N HIS B 332 4.77 15.89 4.16
CA HIS B 332 3.33 16.11 3.95
C HIS B 332 3.00 16.41 2.47
N ILE B 333 3.85 17.20 1.80
CA ILE B 333 3.73 17.50 0.36
C ILE B 333 3.93 16.27 -0.52
N ALA B 334 4.98 15.50 -0.25
CA ALA B 334 5.23 14.22 -0.93
C ALA B 334 3.98 13.35 -0.87
N ASN B 335 3.39 13.23 0.35
CA ASN B 335 2.18 12.42 0.57
C ASN B 335 0.91 12.94 -0.09
N ALA B 336 0.84 14.25 -0.32
CA ALA B 336 -0.23 14.86 -1.12
C ALA B 336 -0.23 14.32 -2.55
N PHE B 337 0.94 14.31 -3.18
CA PHE B 337 1.16 13.69 -4.49
C PHE B 337 0.86 12.20 -4.50
N PHE B 338 1.33 11.47 -3.48
CA PHE B 338 1.12 10.01 -3.45
C PHE B 338 -0.33 9.65 -3.30
N LYS B 339 -1.06 10.40 -2.47
CA LYS B 339 -2.50 10.20 -2.31
C LYS B 339 -3.21 10.51 -3.62
N LEU B 340 -2.77 11.56 -4.30
CA LEU B 340 -3.27 11.88 -5.63
C LEU B 340 -3.08 10.71 -6.61
N PHE B 341 -1.84 10.21 -6.72
CA PHE B 341 -1.56 9.11 -7.61
C PHE B 341 -2.48 7.93 -7.33
N SER B 342 -2.53 7.48 -6.08
CA SER B 342 -3.27 6.26 -5.82
C SER B 342 -4.78 6.41 -5.98
N SER B 343 -5.27 7.64 -6.01
CA SER B 343 -6.70 7.83 -6.21
C SER B 343 -7.10 8.10 -7.67
N LYS B 344 -6.28 8.79 -8.44
CA LYS B 344 -6.61 9.06 -9.83
C LYS B 344 -6.04 8.05 -10.82
N LEU B 345 -4.82 7.58 -10.62
CA LEU B 345 -4.23 6.60 -11.55
C LEU B 345 -5.08 5.33 -11.85
N PRO B 346 -5.78 4.77 -10.85
CA PRO B 346 -6.68 3.63 -11.10
C PRO B 346 -7.82 3.82 -12.10
N THR B 347 -8.21 5.06 -12.37
CA THR B 347 -9.30 5.30 -13.30
C THR B 347 -8.85 5.88 -14.64
N SER B 348 -9.24 5.19 -15.69
CA SER B 348 -8.96 5.61 -17.02
C SER B 348 -10.13 5.10 -17.81
N ARG B 349 -10.89 6.01 -18.41
CA ARG B 349 -12.17 5.66 -19.02
C ARG B 349 -11.99 4.75 -20.22
N LEU B 350 -12.68 3.62 -20.18
CA LEU B 350 -12.65 2.63 -21.25
C LEU B 350 -11.21 2.21 -21.60
N GLN B 351 -10.83 2.29 -22.87
CA GLN B 351 -9.53 1.75 -23.25
C GLN B 351 -8.43 2.76 -23.07
N ARG B 352 -8.82 3.99 -22.69
CA ARG B 352 -8.06 4.97 -21.92
C ARG B 352 -8.55 6.42 -22.12
N ASP B 353 -8.44 7.23 -21.07
CA ASP B 353 -8.47 8.68 -21.24
C ASP B 353 -7.07 9.22 -20.95
N LEU B 354 -6.75 10.41 -21.44
CA LEU B 354 -5.38 10.94 -21.37
C LEU B 354 -5.00 11.63 -20.05
N SER B 355 -5.96 11.86 -19.16
CA SER B 355 -5.71 12.53 -17.89
C SER B 355 -4.58 11.88 -17.06
N ASP B 356 -4.38 10.58 -17.24
CA ASP B 356 -3.31 9.84 -16.57
C ASP B 356 -1.91 10.38 -16.83
N SER B 357 -1.70 10.88 -18.05
CA SER B 357 -0.41 11.27 -18.53
C SER B 357 0.14 12.58 -17.93
N THR B 358 -0.73 13.57 -17.65
CA THR B 358 -0.29 14.78 -16.95
C THR B 358 0.06 14.47 -15.50
N VAL B 359 -0.70 13.57 -14.92
CA VAL B 359 -0.52 13.18 -13.53
C VAL B 359 0.83 12.48 -13.39
N LEU B 360 1.08 11.48 -14.23
CA LEU B 360 2.33 10.72 -14.21
C LEU B 360 3.57 11.59 -14.37
N ARG B 361 3.42 12.76 -14.99
CA ARG B 361 4.56 13.67 -15.20
C ARG B 361 5.07 14.25 -13.90
N ASN B 362 4.31 14.03 -12.83
CA ASN B 362 4.61 14.55 -11.52
C ASN B 362 5.27 13.57 -10.56
N ILE B 363 5.54 12.34 -11.00
CA ILE B 363 6.21 11.38 -10.12
C ILE B 363 7.59 11.92 -9.67
N GLY B 364 8.31 12.52 -10.63
CA GLY B 364 9.56 13.22 -10.33
C GLY B 364 9.43 14.24 -9.21
N SER B 365 8.45 15.14 -9.29
CA SER B 365 8.20 16.10 -8.22
C SER B 365 7.96 15.41 -6.90
N SER B 366 7.05 14.42 -6.89
CA SER B 366 6.75 13.67 -5.68
C SER B 366 8.02 13.11 -5.04
N LEU B 367 8.89 12.52 -5.85
CA LEU B 367 10.11 11.88 -5.33
C LEU B 367 11.18 12.90 -4.91
N ALA B 368 11.10 14.09 -5.48
CA ALA B 368 11.97 15.21 -5.12
C ALA B 368 11.62 15.71 -3.74
N TYR B 369 10.33 15.86 -3.46
CA TYR B 369 9.88 16.24 -2.11
C TYR B 369 10.27 15.17 -1.08
N CYS B 370 10.17 13.89 -1.46
CA CYS B 370 10.72 12.80 -0.63
C CYS B 370 12.21 13.01 -0.36
N LEU B 371 12.97 13.27 -1.41
CA LEU B 371 14.42 13.31 -1.28
C LEU B 371 14.89 14.51 -0.46
N ILE B 372 14.30 15.67 -0.73
CA ILE B 372 14.53 16.86 0.08
C ILE B 372 14.30 16.60 1.58
N ALA B 373 13.22 15.91 1.90
CA ALA B 373 12.86 15.64 3.31
C ALA B 373 13.80 14.62 3.91
N TYR B 374 14.14 13.58 3.15
CA TYR B 374 15.06 12.53 3.66
C TYR B 374 16.46 13.07 3.94
N LYS B 375 16.92 14.00 3.12
CA LYS B 375 18.21 14.66 3.36
C LYS B 375 18.19 15.57 4.59
N SER B 376 17.04 16.20 4.87
CA SER B 376 16.89 17.03 6.06
C SER B 376 16.80 16.20 7.33
N VAL B 377 16.10 15.06 7.28
CA VAL B 377 16.06 14.13 8.41
C VAL B 377 17.49 13.67 8.74
N LEU B 378 18.25 13.27 7.73
CA LEU B 378 19.67 12.92 7.90
C LEU B 378 20.53 14.02 8.51
N LYS B 379 20.47 15.23 7.93
CA LYS B 379 21.11 16.39 8.52
C LYS B 379 20.73 16.59 9.98
N GLY B 380 19.44 16.42 10.27
CA GLY B 380 18.90 16.62 11.63
C GLY B 380 19.46 15.59 12.61
N LEU B 381 19.40 14.32 12.22
CA LEU B 381 19.81 13.22 13.09
C LEU B 381 21.32 13.28 13.43
N ASN B 382 22.13 13.77 12.50
CA ASN B 382 23.56 13.93 12.71
C ASN B 382 23.95 15.09 13.64
N LYS B 383 23.02 15.99 13.92
CA LYS B 383 23.24 17.07 14.90
C LYS B 383 22.83 16.71 16.32
N ILE B 384 22.11 15.60 16.47
CA ILE B 384 21.50 15.20 17.75
C ILE B 384 22.56 14.76 18.76
N ASP B 385 22.46 15.29 19.98
CA ASP B 385 23.14 14.70 21.13
C ASP B 385 22.16 14.70 22.28
N ILE B 386 22.31 13.76 23.20
CA ILE B 386 21.54 13.78 24.46
C ILE B 386 21.98 14.90 25.39
N ASP B 387 21.07 15.26 26.28
CA ASP B 387 21.33 16.15 27.37
C ASP B 387 21.14 15.33 28.63
N ARG B 388 22.19 14.62 29.03
CA ARG B 388 22.16 13.68 30.16
C ARG B 388 21.64 14.28 31.45
N ARG B 389 22.18 15.44 31.81
CA ARG B 389 21.82 16.10 33.05
C ARG B 389 20.33 16.35 33.08
N ASN B 390 19.77 16.81 31.96
CA ASN B 390 18.32 17.06 31.84
C ASN B 390 17.49 15.79 31.85
N LEU B 391 17.98 14.77 31.16
CA LEU B 391 17.35 13.45 31.16
C LEU B 391 17.27 12.87 32.58
N GLU B 392 18.37 12.94 33.31
CA GLU B 392 18.45 12.40 34.66
C GLU B 392 17.60 13.17 35.67
N GLU B 393 17.64 14.50 35.62
CA GLU B 393 16.83 15.31 36.56
C GLU B 393 15.31 15.12 36.39
N GLU B 394 14.85 14.98 35.16
CA GLU B 394 13.42 14.73 34.91
C GLU B 394 13.00 13.40 35.52
N LEU B 395 13.81 12.37 35.30
CA LEU B 395 13.49 11.06 35.88
C LEU B 395 13.44 11.08 37.41
N ASN B 396 14.35 11.85 38.03
CA ASN B 396 14.42 11.93 39.49
C ASN B 396 13.37 12.89 40.08
N GLN B 397 12.68 13.62 39.23
CA GLN B 397 11.49 14.39 39.63
C GLN B 397 10.18 13.62 39.38
N ASN B 398 10.27 12.35 39.01
CA ASN B 398 9.05 11.60 38.65
C ASN B 398 8.97 10.18 39.25
N TRP B 399 9.11 10.13 40.59
CA TRP B 399 9.14 8.90 41.34
C TRP B 399 7.78 8.19 41.35
N SER B 400 6.71 8.94 41.08
CA SER B 400 5.35 8.37 40.89
C SER B 400 5.25 7.25 39.84
N THR B 401 6.16 7.23 38.87
CA THR B 401 6.19 6.16 37.87
C THR B 401 6.63 4.80 38.45
N LEU B 402 6.93 4.78 39.75
CA LEU B 402 7.26 3.52 40.41
C LEU B 402 6.01 2.89 41.00
N ALA B 403 4.86 3.51 40.76
CA ALA B 403 3.59 2.99 41.26
C ALA B 403 3.39 1.54 40.87
N GLU B 404 3.56 1.26 39.57
CA GLU B 404 3.28 -0.07 39.01
C GLU B 404 4.18 -1.20 39.50
N PRO B 405 5.52 -1.00 39.47
CA PRO B 405 6.34 -2.13 39.93
C PRO B 405 6.10 -2.48 41.41
N ILE B 406 5.87 -1.46 42.25
CA ILE B 406 5.45 -1.71 43.62
C ILE B 406 4.15 -2.56 43.64
N GLN B 407 3.14 -2.16 42.88
CA GLN B 407 1.85 -2.88 42.86
C GLN B 407 2.00 -4.31 42.38
N ILE B 408 2.87 -4.54 41.39
CA ILE B 408 3.00 -5.89 40.83
C ILE B 408 3.71 -6.84 41.78
N VAL B 409 4.66 -6.30 42.53
CA VAL B 409 5.37 -7.06 43.56
C VAL B 409 4.42 -7.38 44.74
N MSE B 410 3.59 -6.42 45.14
CA MSE B 410 2.58 -6.67 46.17
C MSE B 410 1.64 -7.81 45.76
O MSE B 410 1.34 -8.70 46.57
CB MSE B 410 1.75 -5.41 46.47
CG MSE B 410 2.52 -4.24 47.08
SE MSE B 410 1.43 -2.61 47.24
CE MSE B 410 0.73 -2.85 49.07
N LYS B 411 1.16 -7.79 44.51
CA LYS B 411 0.21 -8.80 44.01
C LYS B 411 0.85 -10.17 43.78
N ARG B 412 2.15 -10.18 43.55
CA ARG B 412 2.92 -11.43 43.48
C ARG B 412 2.90 -12.14 44.83
N HIS B 413 2.83 -11.36 45.90
CA HIS B 413 2.78 -11.88 47.26
C HIS B 413 1.35 -11.78 47.82
N ASN B 414 0.37 -11.92 46.94
CA ASN B 414 -1.03 -12.10 47.33
C ASN B 414 -1.79 -10.84 47.78
N TYR B 415 -1.19 -9.66 47.64
CA TYR B 415 -1.89 -8.42 48.00
C TYR B 415 -3.08 -8.18 47.05
N VAL B 416 -4.15 -7.64 47.61
CA VAL B 416 -5.39 -7.38 46.86
C VAL B 416 -5.68 -5.89 46.98
N ASP B 417 -6.13 -5.28 45.88
CA ASP B 417 -6.41 -3.83 45.81
C ASP B 417 -5.17 -3.02 46.09
N ALA B 418 -4.07 -3.38 45.43
CA ALA B 418 -2.80 -2.68 45.56
C ALA B 418 -2.91 -1.22 45.12
N TYR B 419 -3.67 -0.99 44.05
CA TYR B 419 -3.82 0.34 43.48
C TYR B 419 -4.46 1.31 44.46
N GLU B 420 -5.60 0.88 45.00
CA GLU B 420 -6.39 1.60 45.99
C GLU B 420 -5.60 1.91 47.26
N GLU B 421 -4.69 1.00 47.65
CA GLU B 421 -3.81 1.20 48.81
C GLU B 421 -2.84 2.35 48.59
N LEU B 422 -2.24 2.41 47.39
CA LEU B 422 -1.33 3.49 47.05
C LEU B 422 -2.06 4.83 46.91
N LYS B 423 -3.27 4.75 46.33
CA LYS B 423 -4.15 5.89 46.12
C LYS B 423 -4.58 6.49 47.47
N GLN B 424 -4.98 5.64 48.41
CA GLN B 424 -5.33 6.11 49.77
C GLN B 424 -4.15 6.76 50.47
N PHE B 425 -2.96 6.15 50.38
CA PHE B 425 -1.75 6.68 51.02
C PHE B 425 -1.30 8.06 50.51
N THR B 426 -1.52 8.32 49.21
CA THR B 426 -1.00 9.52 48.57
C THR B 426 -2.06 10.63 48.49
N ARG B 427 -3.28 10.31 48.91
CA ARG B 427 -4.39 11.25 48.88
C ARG B 427 -4.01 12.56 49.58
N GLY B 428 -4.07 13.65 48.83
CA GLY B 428 -3.78 14.97 49.36
C GLY B 428 -2.31 15.34 49.35
N LYS B 429 -1.46 14.40 48.89
CA LYS B 429 -0.02 14.63 48.87
C LYS B 429 0.54 14.84 47.47
N VAL B 430 1.65 15.58 47.39
CA VAL B 430 2.36 15.77 46.14
C VAL B 430 3.43 14.69 46.11
N ILE B 431 3.18 13.63 45.34
CA ILE B 431 4.02 12.43 45.34
C ILE B 431 5.48 12.76 45.00
N ASP B 432 6.40 12.38 45.89
CA ASP B 432 7.82 12.47 45.61
C ASP B 432 8.53 11.17 45.98
N GLN B 433 9.86 11.19 45.93
CA GLN B 433 10.70 10.05 46.32
C GLN B 433 10.46 9.59 47.76
N LYS B 434 10.38 10.56 48.69
CA LYS B 434 10.17 10.31 50.11
C LYS B 434 8.86 9.56 50.33
N ILE B 435 7.79 10.08 49.74
CA ILE B 435 6.46 9.45 49.79
C ILE B 435 6.46 8.00 49.25
N MSE B 436 7.03 7.76 48.05
CA MSE B 436 7.02 6.41 47.45
C MSE B 436 7.84 5.40 48.25
O MSE B 436 7.45 4.25 48.39
CB MSE B 436 7.52 6.43 45.98
CG MSE B 436 6.67 7.24 45.01
SE MSE B 436 4.80 6.66 44.89
CE MSE B 436 5.07 4.83 44.26
N GLN B 437 8.98 5.86 48.74
CA GLN B 437 9.85 5.02 49.57
C GLN B 437 9.31 4.83 51.00
N GLU B 438 8.60 5.82 51.52
CA GLU B 438 7.84 5.61 52.76
C GLU B 438 6.69 4.59 52.56
N PHE B 439 5.99 4.64 51.42
CA PHE B 439 4.98 3.62 51.11
C PHE B 439 5.59 2.21 51.14
N ILE B 440 6.75 2.05 50.51
CA ILE B 440 7.46 0.77 50.48
C ILE B 440 7.82 0.28 51.90
N LYS B 441 8.47 1.15 52.68
CA LYS B 441 8.90 0.82 54.04
C LYS B 441 7.77 0.36 54.96
N THR B 442 6.65 1.08 54.95
CA THR B 442 5.63 0.81 55.95
C THR B 442 4.44 0.03 55.44
N LYS B 443 4.09 0.22 54.17
CA LYS B 443 2.90 -0.45 53.65
C LYS B 443 3.22 -1.77 52.94
N CYS B 444 4.48 -1.96 52.55
CA CYS B 444 4.90 -3.20 51.87
C CYS B 444 5.79 -4.11 52.72
N ALA B 445 5.81 -3.88 54.03
CA ALA B 445 6.76 -4.55 54.93
C ALA B 445 6.47 -6.02 55.13
N PHE B 446 5.28 -6.46 54.74
CA PHE B 446 4.90 -7.87 54.79
C PHE B 446 5.67 -8.73 53.78
N LEU B 447 6.30 -8.09 52.79
CA LEU B 447 7.09 -8.82 51.79
C LEU B 447 8.40 -9.32 52.40
N PRO B 448 8.95 -10.45 51.89
CA PRO B 448 10.29 -10.83 52.34
C PRO B 448 11.23 -9.63 52.25
N GLN B 449 12.09 -9.48 53.23
CA GLN B 449 12.95 -8.30 53.35
C GLN B 449 13.95 -8.14 52.19
N ASP B 450 14.28 -9.24 51.52
CA ASP B 450 15.07 -9.20 50.30
C ASP B 450 14.29 -8.46 49.19
N VAL B 451 13.00 -8.75 49.08
CA VAL B 451 12.14 -8.07 48.10
C VAL B 451 11.93 -6.60 48.49
N VAL B 452 11.68 -6.33 49.78
CA VAL B 452 11.56 -4.96 50.26
C VAL B 452 12.78 -4.14 49.85
N ASP B 453 13.98 -4.68 50.04
CA ASP B 453 15.17 -3.88 49.73
C ASP B 453 15.45 -3.78 48.21
N GLN B 454 14.95 -4.76 47.44
CA GLN B 454 14.93 -4.65 45.98
C GLN B 454 14.04 -3.49 45.51
N LEU B 455 12.88 -3.32 46.14
CA LEU B 455 12.03 -2.17 45.85
C LEU B 455 12.65 -0.84 46.23
N LEU B 456 13.36 -0.82 47.36
CA LEU B 456 14.02 0.42 47.84
C LEU B 456 15.25 0.75 47.02
N GLU B 457 15.73 -0.23 46.26
CA GLU B 457 16.84 -0.04 45.33
C GLU B 457 16.38 0.56 43.98
N LEU B 458 15.10 0.44 43.67
CA LEU B 458 14.51 0.94 42.42
C LEU B 458 14.49 2.47 42.34
N THR B 459 14.80 2.98 41.16
CA THR B 459 14.71 4.41 40.87
C THR B 459 13.98 4.54 39.54
N PRO B 460 13.39 5.70 39.25
CA PRO B 460 12.81 5.87 37.90
C PRO B 460 13.78 5.54 36.75
N ALA B 461 15.05 5.97 36.87
CA ALA B 461 16.10 5.72 35.87
C ALA B 461 16.47 4.24 35.74
N THR B 462 16.15 3.44 36.76
CA THR B 462 16.52 2.02 36.70
C THR B 462 15.31 1.12 36.52
N TYR B 463 14.15 1.72 36.33
CA TYR B 463 12.97 0.96 35.93
C TYR B 463 12.73 1.10 34.39
N THR B 464 13.59 0.49 33.59
CA THR B 464 13.55 0.65 32.13
C THR B 464 13.25 -0.66 31.40
N GLY B 465 13.00 -1.73 32.15
CA GLY B 465 12.68 -3.04 31.58
C GLY B 465 13.78 -3.54 30.66
N TYR B 466 13.38 -4.10 29.51
CA TYR B 466 14.33 -4.59 28.51
C TYR B 466 14.62 -3.58 27.37
N ALA B 467 14.47 -2.30 27.69
CA ALA B 467 14.71 -1.23 26.72
C ALA B 467 16.12 -1.27 26.15
N ASP B 468 17.12 -1.39 27.03
CA ASP B 468 18.52 -1.45 26.61
C ASP B 468 18.83 -2.64 25.71
N TYR B 469 18.43 -3.84 26.15
CA TYR B 469 18.57 -5.06 25.33
C TYR B 469 17.80 -5.02 23.97
N LEU B 470 16.60 -4.44 23.99
CA LEU B 470 15.80 -4.36 22.76
C LEU B 470 16.40 -3.37 21.77
N ALA B 471 16.87 -2.23 22.28
CA ALA B 471 17.56 -1.21 21.49
C ALA B 471 18.83 -1.69 20.79
N LYS B 472 19.72 -2.38 21.51
CA LYS B 472 21.01 -2.74 20.93
C LYS B 472 20.89 -3.92 19.98
N ASN B 473 19.84 -4.72 20.15
CA ASN B 473 19.63 -5.89 19.30
C ASN B 473 18.58 -5.70 18.20
N VAL B 474 18.12 -4.46 17.97
CA VAL B 474 17.07 -4.16 16.98
C VAL B 474 17.33 -4.74 15.57
N GLU B 475 18.56 -4.63 15.07
CA GLU B 475 18.88 -5.19 13.75
C GLU B 475 18.54 -6.68 13.67
N ARG B 476 18.92 -7.42 14.69
CA ARG B 476 18.66 -8.87 14.75
C ARG B 476 17.21 -9.19 15.09
N LEU B 477 16.63 -8.49 16.07
CA LEU B 477 15.27 -8.79 16.53
C LEU B 477 14.15 -8.22 15.67
N SER B 478 14.47 -7.23 14.83
CA SER B 478 13.47 -6.63 13.95
C SER B 478 13.91 -6.67 12.48
S SO4 C . -35.11 8.62 -14.48
O1 SO4 C . -35.46 8.83 -13.06
O2 SO4 C . -34.49 9.80 -15.07
O3 SO4 C . -34.25 7.44 -14.52
O4 SO4 C . -36.36 8.36 -15.20
S SO4 D . 4.66 5.25 -41.87
O1 SO4 D . 3.23 5.29 -41.57
O2 SO4 D . 5.13 6.62 -42.08
O3 SO4 D . 5.40 4.69 -40.75
O4 SO4 D . 4.93 4.40 -43.04
S SO4 E . -10.84 7.81 -4.20
O1 SO4 E . -11.97 6.93 -3.94
O2 SO4 E . -11.01 9.11 -3.53
O3 SO4 E . -9.62 7.19 -3.66
O4 SO4 E . -10.72 8.05 -5.64
S SO4 F . 0.71 -12.25 -57.15
O1 SO4 F . -0.12 -12.90 -56.14
O2 SO4 F . 0.14 -10.94 -57.46
O3 SO4 F . 2.06 -12.12 -56.63
O4 SO4 F . 0.70 -13.07 -58.37
S SO4 G . -14.72 10.82 -40.78
O1 SO4 G . -16.14 10.51 -40.80
O2 SO4 G . -14.51 12.27 -40.67
O3 SO4 G . -14.12 10.14 -39.63
O4 SO4 G . -14.07 10.33 -42.00
S SO4 H . -19.93 -16.35 -28.84
O1 SO4 H . -20.42 -15.64 -27.66
O2 SO4 H . -19.79 -15.39 -29.94
O3 SO4 H . -18.63 -16.96 -28.55
O4 SO4 H . -20.88 -17.40 -29.19
S SO4 I . -0.23 13.18 5.43
O1 SO4 I . -0.83 13.74 6.64
O2 SO4 I . 0.90 14.01 4.98
O3 SO4 I . 0.32 11.84 5.67
O4 SO4 I . -1.26 13.08 4.40
S SO4 J . 25.15 16.81 29.36
O1 SO4 J . 24.21 16.81 30.48
O2 SO4 J . 25.42 18.20 29.03
O3 SO4 J . 26.37 16.08 29.72
O4 SO4 J . 24.59 16.13 28.19
S SO4 K . 11.94 -11.93 56.08
O1 SO4 K . 10.95 -10.85 56.09
O2 SO4 K . 12.99 -11.64 55.11
O3 SO4 K . 12.53 -12.02 57.41
O4 SO4 K . 11.31 -13.20 55.71
S SO4 L . 25.97 5.21 28.30
O1 SO4 L . 25.42 5.95 29.44
O2 SO4 L . 27.42 5.26 28.29
O3 SO4 L . 25.52 3.81 28.38
O4 SO4 L . 25.49 5.83 27.07
S SO4 M . -5.43 -4.34 41.91
O1 SO4 M . -6.80 -3.81 42.01
O2 SO4 M . -4.49 -3.34 42.43
O3 SO4 M . -5.36 -5.59 42.65
O4 SO4 M . -5.08 -4.60 40.52
S SO4 N . 12.82 32.88 16.95
O1 SO4 N . 11.47 32.79 17.51
O2 SO4 N . 12.77 33.55 15.65
O3 SO4 N . 13.61 33.71 17.87
O4 SO4 N . 13.41 31.56 16.74
S SO4 O . 23.66 15.52 -0.65
O1 SO4 O . 22.47 16.37 -0.77
O2 SO4 O . 24.78 16.31 -1.17
O3 SO4 O . 23.92 15.14 0.74
O4 SO4 O . 23.52 14.28 -1.43
#